data_3W72
#
_entry.id   3W72
#
_cell.length_a   67.837
_cell.length_b   71.905
_cell.length_c   128.306
_cell.angle_alpha   90.000
_cell.angle_beta   90.000
_cell.angle_gamma   90.000
#
_symmetry.space_group_name_H-M   'P 21 21 21'
#
loop_
_entity.id
_entity.type
_entity.pdbx_description
1 polymer 'Dihydroorotate dehydrogenase (fumarate)'
2 non-polymer '5-[2-(naphthalen-1-yl)ethyl]-2,6-dioxo-1,2,3,6- tetrahydropyrimidine-4-carboxylic acid'
3 non-polymer GLYCEROL
4 non-polymer 'FLAVIN MONONUCLEOTIDE'
5 non-polymer 'COBALT HEXAMMINE(III)'
6 water water
#
_entity_poly.entity_id   1
_entity_poly.type   'polypeptide(L)'
_entity_poly.pdbx_seq_one_letter_code
;MCLKLNLLDHVFANPFMNAAGVLCSTEEDLRCMTASSSGALVSKSCTSAPRDGNPEPRYMAFPLGSINSMGLPNLGFDFY
LKYASDLHDYSKKPLFLSISGLSVEENVAMVRRLAPVAQEKGVLLELNLSCPNVPGKPQVAYDFEAMRTYLQQVSLAYGL
PFGVKMPPYFDIAHFDTAAAVLNEFPLVKFVTCVNSVGNGLVIDAESESVVIKPKQGFGGLGGKYILPTALANVNAFYRR
CPDKLVFGCGGVYSGEDAFLHILAGASMVQVGTALQEEGPGIFTRLEDELLEIMARKGYRTLEEFRGRVKTIE
;
_entity_poly.pdbx_strand_id   A,B
#
loop_
_chem_comp.id
_chem_comp.type
_chem_comp.name
_chem_comp.formula
FMN non-polymer 'FLAVIN MONONUCLEOTIDE' 'C17 H21 N4 O9 P'
GOL non-polymer GLYCEROL 'C3 H8 O3'
NCO non-polymer 'COBALT HEXAMMINE(III)' 'Co H18 N6 3'
W7B non-polymer '5-[2-(naphthalen-1-yl)ethyl]-2,6-dioxo-1,2,3,6- tetrahydropyrimidine-4-carboxylic acid' 'C17 H14 N2 O4'
#
# COMPACT_ATOMS: atom_id res chain seq x y z
N MET A 1 20.54 7.90 31.09
CA MET A 1 19.61 7.08 30.21
C MET A 1 20.23 6.71 28.81
N CYS A 2 20.21 5.42 28.57
CA CYS A 2 20.70 4.85 27.31
C CYS A 2 19.71 3.78 26.81
N LEU A 3 19.76 3.56 25.46
CA LEU A 3 18.81 2.74 24.62
C LEU A 3 19.33 1.33 24.41
N LYS A 4 20.36 0.85 25.22
CA LYS A 4 20.99 -0.45 24.95
C LYS A 4 19.94 -1.50 25.19
N LEU A 5 19.94 -2.59 24.38
CA LEU A 5 19.10 -3.74 24.50
C LEU A 5 19.72 -5.07 24.04
N ASN A 6 19.14 -6.22 24.38
CA ASN A 6 19.63 -7.60 24.18
C ASN A 6 18.55 -8.28 23.54
N LEU A 7 18.85 -8.87 22.33
CA LEU A 7 17.96 -9.68 21.53
C LEU A 7 18.72 -10.75 20.78
N LEU A 8 18.18 -11.94 20.58
CA LEU A 8 18.74 -12.96 19.73
C LEU A 8 20.22 -13.33 20.23
N ASP A 9 20.40 -13.18 21.52
CA ASP A 9 21.72 -13.47 22.20
C ASP A 9 22.80 -12.54 21.77
N HIS A 10 22.38 -11.35 21.42
CA HIS A 10 23.28 -10.24 21.10
C HIS A 10 22.95 -9.00 21.86
N VAL A 11 23.92 -8.15 22.09
CA VAL A 11 23.74 -6.85 22.71
C VAL A 11 23.77 -5.76 21.64
N PHE A 12 22.80 -4.85 21.74
CA PHE A 12 22.66 -3.71 20.83
C PHE A 12 22.67 -2.39 21.61
N ALA A 13 23.43 -1.44 21.15
CA ALA A 13 23.57 -0.08 21.82
C ALA A 13 22.28 0.70 21.75
N ASN A 14 21.49 0.40 20.74
CA ASN A 14 20.24 1.09 20.46
C ASN A 14 19.48 0.23 19.43
N PRO A 15 18.18 0.53 19.21
CA PRO A 15 17.38 -0.37 18.37
C PRO A 15 17.54 -0.01 16.89
N PHE A 16 18.36 0.97 16.46
CA PHE A 16 18.37 1.39 15.08
C PHE A 16 19.36 0.65 14.24
N MET A 17 18.94 0.44 13.00
CA MET A 17 19.84 -0.13 11.99
C MET A 17 19.44 0.37 10.63
N ASN A 18 20.26 0.12 9.61
CA ASN A 18 19.83 0.31 8.26
C ASN A 18 18.84 -0.70 7.85
N ALA A 19 18.00 -0.32 6.88
CA ALA A 19 17.19 -1.24 6.14
C ALA A 19 18.03 -1.94 5.10
N ALA A 20 17.78 -3.24 4.85
CA ALA A 20 18.50 -3.89 3.82
C ALA A 20 18.41 -3.18 2.50
N GLY A 21 19.48 -3.13 1.78
CA GLY A 21 19.54 -2.41 0.55
C GLY A 21 20.05 -1.01 0.56
N VAL A 22 19.99 -0.37 1.73
CA VAL A 22 20.47 1.04 1.89
C VAL A 22 21.79 1.05 2.63
N LEU A 23 22.78 1.66 2.01
CA LEU A 23 24.11 1.81 2.57
C LEU A 23 24.75 0.52 3.06
N CYS A 24 24.72 -0.49 2.21
CA CYS A 24 25.13 -1.78 2.65
C CYS A 24 25.52 -2.73 1.56
N SER A 25 25.92 -2.23 0.40
CA SER A 25 26.18 -3.08 -0.73
C SER A 25 27.68 -3.37 -0.88
N THR A 26 28.50 -2.42 -0.60
CA THR A 26 29.92 -2.53 -0.81
C THR A 26 30.65 -2.60 0.50
N GLU A 27 31.95 -2.97 0.48
CA GLU A 27 32.77 -2.91 1.71
C GLU A 27 32.79 -1.51 2.30
N GLU A 28 32.92 -0.50 1.42
CA GLU A 28 32.87 0.89 1.87
C GLU A 28 31.59 1.17 2.65
N ASP A 29 30.45 0.80 2.10
CA ASP A 29 29.16 1.00 2.74
C ASP A 29 29.13 0.35 4.08
N LEU A 30 29.57 -0.90 4.16
CA LEU A 30 29.47 -1.68 5.38
C LEU A 30 30.37 -1.11 6.47
N ARG A 31 31.55 -0.63 6.08
CA ARG A 31 32.44 0.05 7.01
C ARG A 31 31.87 1.37 7.49
N CYS A 32 31.12 2.03 6.62
CA CYS A 32 30.51 3.31 6.95
C CYS A 32 29.35 3.01 7.97
N MET A 33 28.50 2.04 7.70
CA MET A 33 27.49 1.68 8.65
C MET A 33 28.04 1.19 9.97
N THR A 34 29.18 0.46 9.93
CA THR A 34 29.78 0.00 11.14
C THR A 34 30.31 1.19 11.97
N ALA A 35 30.85 2.24 11.33
CA ALA A 35 31.37 3.44 12.00
C ALA A 35 30.30 4.36 12.55
N SER A 36 29.08 4.21 12.05
CA SER A 36 27.94 5.00 12.49
C SER A 36 27.52 4.67 13.92
N SER A 37 26.56 5.47 14.38
CA SER A 37 25.99 5.22 15.71
C SER A 37 24.89 4.23 15.72
N SER A 38 24.60 3.56 14.59
CA SER A 38 23.53 2.57 14.59
C SER A 38 23.86 1.43 15.56
N GLY A 39 22.81 0.79 16.06
CA GLY A 39 22.93 -0.34 16.91
C GLY A 39 23.30 -1.60 16.25
N ALA A 40 23.05 -1.70 14.93
CA ALA A 40 23.34 -2.90 14.13
C ALA A 40 23.41 -2.48 12.65
N LEU A 41 23.76 -3.42 11.79
CA LEU A 41 23.72 -3.20 10.32
C LEU A 41 23.32 -4.47 9.69
N VAL A 42 22.71 -4.36 8.54
CA VAL A 42 22.37 -5.49 7.66
C VAL A 42 22.98 -5.24 6.28
N SER A 43 23.43 -6.33 5.70
CA SER A 43 23.99 -6.26 4.38
C SER A 43 22.95 -6.32 3.31
N LYS A 44 23.28 -5.90 2.09
CA LYS A 44 22.37 -5.95 0.95
C LYS A 44 21.94 -7.39 0.69
N SER A 45 20.68 -7.56 0.35
CA SER A 45 20.16 -8.93 0.02
C SER A 45 21.00 -9.42 -1.16
N CYS A 46 21.46 -10.68 -1.03
CA CYS A 46 22.35 -11.23 -2.09
C CYS A 46 21.85 -12.49 -2.71
N THR A 47 22.46 -12.67 -3.89
CA THR A 47 22.34 -13.87 -4.68
C THR A 47 23.65 -14.60 -4.68
N SER A 48 23.63 -15.86 -5.22
CA SER A 48 24.87 -16.61 -5.28
C SER A 48 25.89 -15.95 -6.10
N ALA A 49 25.46 -15.42 -7.24
CA ALA A 49 26.36 -14.69 -8.13
C ALA A 49 26.15 -13.16 -8.00
N PRO A 50 27.14 -12.34 -8.34
CA PRO A 50 27.00 -10.91 -8.40
C PRO A 50 25.98 -10.55 -9.43
N ARG A 51 25.31 -9.41 -9.20
CA ARG A 51 24.38 -8.82 -10.13
C ARG A 51 24.67 -7.36 -10.30
N ASP A 52 24.55 -6.89 -11.56
CA ASP A 52 24.66 -5.50 -11.86
C ASP A 52 23.34 -4.72 -11.54
N GLY A 53 22.25 -5.44 -11.48
CA GLY A 53 20.96 -4.78 -11.33
C GLY A 53 20.45 -4.16 -12.57
N ASN A 54 19.40 -3.37 -12.40
CA ASN A 54 18.71 -2.73 -13.50
C ASN A 54 19.38 -1.50 -13.95
N PRO A 55 19.01 -1.05 -15.21
CA PRO A 55 19.50 0.24 -15.66
C PRO A 55 19.03 1.43 -14.83
N GLU A 56 19.81 2.47 -14.82
CA GLU A 56 19.59 3.73 -14.12
C GLU A 56 18.82 4.71 -15.00
N PRO A 57 17.97 5.56 -14.44
CA PRO A 57 17.69 5.73 -13.00
C PRO A 57 16.79 4.60 -12.46
N ARG A 58 17.14 4.11 -11.27
CA ARG A 58 16.44 3.00 -10.67
C ARG A 58 16.01 3.25 -9.20
N TYR A 59 16.39 4.39 -8.68
CA TYR A 59 15.96 4.94 -7.40
C TYR A 59 15.75 6.40 -7.56
N MET A 60 14.63 6.90 -6.99
CA MET A 60 14.45 8.33 -6.84
C MET A 60 13.72 8.66 -5.61
N ALA A 61 14.00 9.78 -5.01
CA ALA A 61 13.40 10.25 -3.76
C ALA A 61 12.81 11.59 -3.92
N PHE A 62 11.81 11.84 -3.10
CA PHE A 62 10.94 13.00 -3.10
C PHE A 62 10.57 13.30 -1.67
N PRO A 63 9.88 14.46 -1.45
CA PRO A 63 9.57 14.82 -0.10
C PRO A 63 8.81 13.80 0.68
N LEU A 64 7.95 13.03 0.04
CA LEU A 64 7.21 12.05 0.79
C LEU A 64 7.74 10.61 0.76
N GLY A 65 8.84 10.40 -0.01
CA GLY A 65 9.42 9.08 0.06
C GLY A 65 10.23 8.76 -1.14
N SER A 66 10.25 7.51 -1.44
CA SER A 66 11.12 7.03 -2.53
C SER A 66 10.48 5.91 -3.31
N ILE A 67 10.98 5.71 -4.52
CA ILE A 67 10.60 4.62 -5.38
C ILE A 67 11.88 3.95 -5.88
N ASN A 68 11.82 2.62 -5.96
CA ASN A 68 13.00 1.91 -6.51
C ASN A 68 12.59 0.64 -7.17
N SER A 69 13.38 0.39 -8.28
CA SER A 69 13.40 -0.95 -8.93
C SER A 69 14.85 -1.30 -9.19
N MET A 70 15.62 -1.56 -8.15
CA MET A 70 17.06 -1.74 -8.29
C MET A 70 17.43 -2.91 -9.06
N GLY A 71 16.66 -3.97 -9.00
CA GLY A 71 17.01 -5.24 -9.63
C GLY A 71 18.06 -6.03 -8.92
N LEU A 72 18.08 -5.84 -7.61
CA LEU A 72 18.98 -6.55 -6.72
C LEU A 72 20.45 -6.48 -7.17
N PRO A 73 20.98 -5.31 -7.36
CA PRO A 73 22.44 -5.19 -7.60
C PRO A 73 23.11 -5.61 -6.33
N ASN A 74 24.12 -6.50 -6.39
CA ASN A 74 24.86 -6.91 -5.21
C ASN A 74 26.16 -7.58 -5.63
N LEU A 75 27.05 -7.64 -4.69
CA LEU A 75 28.42 -8.17 -4.97
C LEU A 75 28.50 -9.69 -4.89
N GLY A 76 27.39 -10.37 -4.66
CA GLY A 76 27.32 -11.82 -4.58
C GLY A 76 27.56 -12.31 -3.13
N PHE A 77 27.04 -13.50 -2.88
CA PHE A 77 27.10 -14.10 -1.62
C PHE A 77 28.52 -14.29 -1.11
N ASP A 78 29.43 -14.71 -2.01
CA ASP A 78 30.81 -14.91 -1.50
C ASP A 78 31.43 -13.65 -0.82
N PHE A 79 31.13 -12.49 -1.37
CA PHE A 79 31.56 -11.23 -0.81
C PHE A 79 30.98 -10.98 0.60
N TYR A 80 29.66 -11.09 0.66
CA TYR A 80 28.98 -10.86 1.93
C TYR A 80 29.39 -11.84 3.00
N LEU A 81 29.55 -13.12 2.61
CA LEU A 81 30.05 -14.11 3.55
C LEU A 81 31.48 -13.83 4.05
N LYS A 82 32.33 -13.38 3.13
CA LYS A 82 33.68 -12.92 3.49
C LYS A 82 33.66 -11.74 4.44
N TYR A 83 32.79 -10.76 4.15
CA TYR A 83 32.64 -9.68 5.05
C TYR A 83 32.25 -10.16 6.46
N ALA A 84 31.25 -11.03 6.53
CA ALA A 84 30.81 -11.56 7.82
C ALA A 84 31.93 -12.35 8.53
N SER A 85 32.68 -13.11 7.77
CA SER A 85 33.63 -14.08 8.32
C SER A 85 34.95 -13.40 8.71
N ASP A 86 35.42 -12.47 7.90
CA ASP A 86 36.79 -11.94 8.02
C ASP A 86 36.89 -10.45 8.26
N LEU A 87 35.90 -9.65 7.82
CA LEU A 87 36.06 -8.22 7.83
C LEU A 87 35.26 -7.47 8.87
N HIS A 88 34.09 -7.95 9.24
CA HIS A 88 33.29 -7.21 10.17
C HIS A 88 33.88 -7.21 11.54
N ASP A 89 33.80 -6.05 12.21
CA ASP A 89 34.25 -5.95 13.60
C ASP A 89 33.04 -6.12 14.56
N TYR A 90 32.86 -7.32 15.05
CA TYR A 90 31.73 -7.68 15.91
C TYR A 90 31.77 -6.99 17.26
N SER A 91 32.94 -6.43 17.59
CA SER A 91 33.06 -5.64 18.81
C SER A 91 32.35 -4.29 18.71
N LYS A 92 32.04 -3.85 17.49
CA LYS A 92 31.39 -2.55 17.29
C LYS A 92 29.87 -2.71 17.33
N LYS A 93 29.34 -3.76 16.63
CA LYS A 93 27.87 -3.99 16.61
C LYS A 93 27.59 -5.28 15.93
N PRO A 94 26.41 -5.82 16.12
CA PRO A 94 26.02 -7.04 15.43
C PRO A 94 25.77 -6.80 13.95
N LEU A 95 25.90 -7.87 13.22
CA LEU A 95 25.72 -7.88 11.76
C LEU A 95 24.64 -8.84 11.42
N PHE A 96 23.68 -8.43 10.56
CA PHE A 96 22.78 -9.24 9.90
C PHE A 96 23.21 -9.38 8.42
N LEU A 97 23.04 -10.56 7.88
CA LEU A 97 23.28 -10.78 6.45
C LEU A 97 21.95 -11.15 5.79
N SER A 98 21.56 -10.43 4.74
CA SER A 98 20.33 -10.67 4.04
C SER A 98 20.57 -11.49 2.79
N ILE A 99 19.78 -12.55 2.59
CA ILE A 99 19.88 -13.40 1.44
C ILE A 99 18.54 -13.33 0.66
N SER A 100 18.58 -13.31 -0.67
CA SER A 100 17.38 -13.37 -1.49
C SER A 100 17.77 -14.04 -2.80
N GLY A 101 17.87 -15.36 -2.73
CA GLY A 101 18.03 -16.20 -3.94
C GLY A 101 16.86 -16.20 -4.84
N LEU A 102 17.11 -16.59 -6.11
CA LEU A 102 16.05 -16.60 -7.15
C LEU A 102 15.29 -17.93 -7.13
N SER A 103 15.66 -18.85 -6.26
CA SER A 103 14.93 -20.12 -6.10
C SER A 103 15.17 -20.68 -4.76
N VAL A 104 14.35 -21.63 -4.35
CA VAL A 104 14.58 -22.23 -3.09
C VAL A 104 15.94 -22.92 -3.01
N GLU A 105 16.39 -23.54 -4.10
CA GLU A 105 17.66 -24.22 -4.12
C GLU A 105 18.84 -23.31 -3.93
N GLU A 106 18.75 -22.11 -4.47
CA GLU A 106 19.82 -21.14 -4.28
C GLU A 106 19.90 -20.64 -2.87
N ASN A 107 18.72 -20.37 -2.30
CA ASN A 107 18.71 -20.03 -0.87
C ASN A 107 19.29 -21.10 0.00
N VAL A 108 18.95 -22.36 -0.27
CA VAL A 108 19.43 -23.47 0.55
C VAL A 108 20.91 -23.60 0.41
N ALA A 109 21.42 -23.40 -0.81
CA ALA A 109 22.86 -23.44 -1.01
C ALA A 109 23.59 -22.39 -0.22
N MET A 110 23.01 -21.17 -0.23
CA MET A 110 23.66 -20.11 0.48
C MET A 110 23.58 -20.33 2.02
N VAL A 111 22.39 -20.75 2.54
CA VAL A 111 22.31 -20.86 3.97
C VAL A 111 23.20 -22.01 4.54
N ARG A 112 23.37 -23.07 3.75
CA ARG A 112 24.27 -24.16 4.22
C ARG A 112 25.66 -23.63 4.37
N ARG A 113 26.10 -22.64 3.57
CA ARG A 113 27.44 -22.08 3.79
C ARG A 113 27.52 -21.04 4.86
N LEU A 114 26.38 -20.34 5.08
CA LEU A 114 26.34 -19.36 6.11
C LEU A 114 26.37 -19.93 7.52
N ALA A 115 25.76 -21.10 7.67
CA ALA A 115 25.53 -21.67 8.99
C ALA A 115 26.81 -21.79 9.79
N PRO A 116 27.88 -22.33 9.22
CA PRO A 116 29.12 -22.37 10.04
C PRO A 116 29.70 -21.05 10.49
N VAL A 117 29.57 -20.03 9.62
CA VAL A 117 29.95 -18.65 10.00
C VAL A 117 29.04 -18.02 11.06
N ALA A 118 27.73 -18.26 10.95
CA ALA A 118 26.81 -17.93 12.02
C ALA A 118 27.20 -18.54 13.36
N GLN A 119 27.54 -19.85 13.36
CA GLN A 119 28.01 -20.46 14.59
C GLN A 119 29.27 -19.82 15.08
N GLU A 120 30.22 -19.54 14.22
CA GLU A 120 31.56 -19.13 14.61
C GLU A 120 31.54 -17.67 15.06
N LYS A 121 30.85 -16.81 14.31
CA LYS A 121 30.97 -15.35 14.43
C LYS A 121 29.70 -14.68 15.03
N GLY A 122 28.57 -15.32 14.88
CA GLY A 122 27.29 -14.79 15.35
C GLY A 122 26.58 -13.84 14.38
N VAL A 123 27.02 -13.80 13.15
CA VAL A 123 26.18 -13.11 12.11
C VAL A 123 24.76 -13.69 12.14
N LEU A 124 23.76 -12.83 11.90
CA LEU A 124 22.37 -13.24 11.95
C LEU A 124 21.77 -13.20 10.55
N LEU A 125 21.04 -14.21 10.15
CA LEU A 125 20.43 -14.29 8.86
C LEU A 125 19.04 -13.59 8.80
N GLU A 126 18.88 -12.72 7.80
CA GLU A 126 17.57 -12.19 7.41
C GLU A 126 17.24 -12.68 6.02
N LEU A 127 16.21 -13.50 5.90
CA LEU A 127 15.78 -14.03 4.65
C LEU A 127 14.75 -13.17 3.99
N ASN A 128 15.07 -12.62 2.85
CA ASN A 128 14.16 -11.72 2.15
C ASN A 128 13.19 -12.51 1.34
N LEU A 129 11.93 -12.55 1.75
CA LEU A 129 10.84 -13.33 1.06
C LEU A 129 10.10 -12.60 0.01
N SER A 130 10.59 -11.42 -0.36
CA SER A 130 10.09 -10.67 -1.56
C SER A 130 10.87 -11.07 -2.79
N CYS A 131 11.29 -12.29 -2.88
CA CYS A 131 12.07 -12.83 -3.98
C CYS A 131 11.15 -13.48 -5.03
N PRO A 132 11.75 -13.72 -6.18
CA PRO A 132 10.83 -14.07 -7.24
C PRO A 132 10.46 -15.52 -7.17
N ASN A 133 9.33 -15.80 -7.82
CA ASN A 133 8.72 -17.08 -7.69
C ASN A 133 8.64 -17.74 -9.03
N VAL A 134 7.95 -18.86 -9.08
CA VAL A 134 7.80 -19.58 -10.36
C VAL A 134 6.85 -18.82 -11.31
N PRO A 135 6.82 -19.25 -12.60
CA PRO A 135 6.05 -18.43 -13.50
C PRO A 135 4.60 -18.25 -13.15
N GLY A 136 4.12 -17.01 -13.31
CA GLY A 136 2.72 -16.67 -13.12
C GLY A 136 2.27 -16.39 -11.71
N LYS A 137 3.16 -16.59 -10.75
CA LYS A 137 2.87 -16.44 -9.33
C LYS A 137 3.53 -15.13 -8.83
N PRO A 138 2.94 -14.60 -7.75
CA PRO A 138 3.47 -13.37 -7.17
C PRO A 138 4.71 -13.67 -6.36
N GLN A 139 5.32 -12.64 -5.82
CA GLN A 139 6.53 -12.81 -5.00
C GLN A 139 6.26 -13.91 -3.96
N VAL A 140 7.34 -14.57 -3.55
CA VAL A 140 7.21 -15.69 -2.62
C VAL A 140 6.30 -15.41 -1.42
N ALA A 141 6.47 -14.26 -0.76
CA ALA A 141 5.66 -14.04 0.47
C ALA A 141 4.20 -13.76 0.24
N TYR A 142 3.81 -13.54 -1.02
CA TYR A 142 2.44 -13.44 -1.42
C TYR A 142 1.84 -14.77 -1.89
N ASP A 143 2.65 -15.83 -1.87
CA ASP A 143 2.25 -17.22 -2.30
C ASP A 143 2.50 -18.07 -1.03
N PHE A 144 1.48 -18.27 -0.22
CA PHE A 144 1.68 -18.84 1.11
C PHE A 144 2.24 -20.29 1.02
N GLU A 145 1.86 -21.04 -0.01
CA GLU A 145 2.43 -22.37 -0.09
C GLU A 145 3.89 -22.30 -0.43
N ALA A 146 4.29 -21.41 -1.33
CA ALA A 146 5.70 -21.22 -1.61
C ALA A 146 6.45 -20.77 -0.38
N MET A 147 5.85 -19.86 0.37
CA MET A 147 6.53 -19.37 1.54
C MET A 147 6.79 -20.50 2.55
N ARG A 148 5.79 -21.34 2.75
CA ARG A 148 5.92 -22.51 3.62
C ARG A 148 7.06 -23.42 3.13
N THR A 149 7.15 -23.65 1.83
CA THR A 149 8.26 -24.48 1.27
C THR A 149 9.61 -23.84 1.48
N TYR A 150 9.72 -22.54 1.26
CA TYR A 150 10.99 -21.89 1.45
C TYR A 150 11.42 -22.01 2.89
N LEU A 151 10.51 -21.76 3.83
CA LEU A 151 10.86 -21.81 5.19
C LEU A 151 11.19 -23.21 5.68
N GLN A 152 10.49 -24.18 5.14
CA GLN A 152 10.83 -25.59 5.53
C GLN A 152 12.26 -25.93 5.08
N GLN A 153 12.56 -25.58 3.85
CA GLN A 153 13.84 -25.92 3.25
C GLN A 153 14.96 -25.14 3.91
N VAL A 154 14.75 -23.85 4.18
CA VAL A 154 15.75 -23.09 4.87
C VAL A 154 15.98 -23.52 6.29
N SER A 155 14.89 -23.77 7.02
CA SER A 155 14.97 -24.23 8.39
C SER A 155 15.82 -25.51 8.43
N LEU A 156 15.54 -26.43 7.53
CA LEU A 156 16.28 -27.72 7.50
C LEU A 156 17.77 -27.49 7.17
N ALA A 157 18.06 -26.67 6.17
CA ALA A 157 19.43 -26.45 5.67
C ALA A 157 20.28 -25.63 6.61
N TYR A 158 19.65 -24.66 7.29
CA TYR A 158 20.31 -23.74 8.13
C TYR A 158 20.41 -24.21 9.56
N GLY A 159 19.28 -24.60 10.15
CA GLY A 159 19.23 -25.20 11.46
C GLY A 159 19.51 -24.34 12.67
N LEU A 160 19.59 -23.07 12.44
CA LEU A 160 19.83 -22.07 13.43
C LEU A 160 18.74 -20.99 13.41
N PRO A 161 18.63 -20.20 14.46
CA PRO A 161 17.61 -19.06 14.53
C PRO A 161 17.91 -18.06 13.39
N PHE A 162 16.87 -17.65 12.72
CA PHE A 162 16.99 -16.68 11.62
C PHE A 162 15.71 -15.82 11.62
N GLY A 163 15.74 -14.79 10.76
CA GLY A 163 14.58 -13.97 10.57
C GLY A 163 14.18 -13.88 9.15
N VAL A 164 13.01 -13.30 8.94
CA VAL A 164 12.46 -13.08 7.63
C VAL A 164 12.05 -11.64 7.41
N LYS A 165 12.29 -11.14 6.22
CA LYS A 165 11.84 -9.85 5.83
C LYS A 165 10.61 -10.04 4.96
N MET A 166 9.49 -9.41 5.39
CA MET A 166 8.16 -9.52 4.80
C MET A 166 7.76 -8.30 4.00
N PRO A 167 7.04 -8.48 2.91
CA PRO A 167 6.29 -7.42 2.26
C PRO A 167 5.11 -7.07 3.11
N PRO A 168 4.58 -5.84 2.90
CA PRO A 168 3.29 -5.51 3.51
C PRO A 168 2.13 -6.32 3.00
N TYR A 169 1.22 -6.57 3.96
CA TYR A 169 -0.12 -7.10 3.64
C TYR A 169 -1.16 -6.08 3.98
N PHE A 170 -2.29 -6.23 3.33
CA PHE A 170 -3.37 -5.23 3.34
C PHE A 170 -4.73 -5.78 3.68
N ASP A 171 -4.76 -7.02 4.11
CA ASP A 171 -6.04 -7.75 4.31
C ASP A 171 -5.84 -8.57 5.57
N ILE A 172 -6.82 -8.52 6.44
CA ILE A 172 -6.70 -9.18 7.74
C ILE A 172 -6.60 -10.68 7.58
N ALA A 173 -7.30 -11.28 6.62
CA ALA A 173 -7.15 -12.72 6.35
C ALA A 173 -5.74 -13.03 5.97
N HIS A 174 -5.09 -12.11 5.22
CA HIS A 174 -3.74 -12.35 4.85
C HIS A 174 -2.82 -12.31 6.04
N PHE A 175 -2.99 -11.34 6.93
CA PHE A 175 -2.22 -11.29 8.21
C PHE A 175 -2.37 -12.64 8.91
N ASP A 176 -3.60 -13.12 9.01
CA ASP A 176 -3.82 -14.41 9.74
C ASP A 176 -3.10 -15.53 9.06
N THR A 177 -3.14 -15.61 7.73
CA THR A 177 -2.54 -16.73 7.04
C THR A 177 -1.03 -16.64 7.15
N ALA A 178 -0.46 -15.44 6.90
CA ALA A 178 0.98 -15.28 6.85
C ALA A 178 1.57 -15.58 8.20
N ALA A 179 0.97 -15.06 9.29
CA ALA A 179 1.48 -15.26 10.61
C ALA A 179 1.41 -16.76 10.98
N ALA A 180 0.36 -17.42 10.55
CA ALA A 180 0.23 -18.86 10.81
C ALA A 180 1.27 -19.63 10.11
N VAL A 181 1.64 -19.24 8.91
CA VAL A 181 2.77 -19.86 8.26
C VAL A 181 4.04 -19.64 9.06
N LEU A 182 4.38 -18.41 9.43
CA LEU A 182 5.56 -18.18 10.17
C LEU A 182 5.67 -18.90 11.50
N ASN A 183 4.52 -19.01 12.15
CA ASN A 183 4.47 -19.67 13.44
C ASN A 183 4.67 -21.23 13.33
N GLU A 184 4.67 -21.76 12.14
CA GLU A 184 5.05 -23.17 11.93
C GLU A 184 6.50 -23.41 12.10
N PHE A 185 7.30 -22.34 12.14
CA PHE A 185 8.75 -22.47 12.06
C PHE A 185 9.40 -21.92 13.28
N PRO A 186 9.77 -22.75 14.25
CA PRO A 186 10.33 -22.24 15.45
C PRO A 186 11.70 -21.54 15.29
N LEU A 187 12.42 -21.82 14.22
CA LEU A 187 13.72 -21.17 14.01
C LEU A 187 13.51 -19.76 13.53
N VAL A 188 12.29 -19.43 13.08
CA VAL A 188 12.08 -18.00 12.67
C VAL A 188 11.86 -17.23 13.94
N LYS A 189 12.89 -16.48 14.36
CA LYS A 189 12.89 -15.81 15.62
C LYS A 189 12.57 -14.27 15.55
N PHE A 190 12.68 -13.75 14.32
CA PHE A 190 12.27 -12.35 14.08
C PHE A 190 11.64 -12.22 12.74
N VAL A 191 10.71 -11.24 12.64
CA VAL A 191 9.98 -10.93 11.46
C VAL A 191 10.23 -9.45 11.24
N THR A 192 10.68 -9.08 10.09
CA THR A 192 10.90 -7.62 9.79
C THR A 192 9.79 -7.18 8.88
N CYS A 193 9.06 -6.20 9.34
CA CYS A 193 7.81 -5.70 8.70
C CYS A 193 8.11 -4.20 8.51
N VAL A 194 8.31 -3.65 7.30
CA VAL A 194 7.95 -4.18 6.03
C VAL A 194 9.02 -3.81 4.98
N ASN A 195 9.05 -4.63 3.92
CA ASN A 195 9.65 -4.22 2.63
C ASN A 195 8.82 -3.11 1.97
N SER A 196 9.31 -2.61 0.87
CA SER A 196 8.62 -1.58 0.21
C SER A 196 7.21 -1.96 -0.19
N VAL A 197 6.39 -0.95 -0.31
CA VAL A 197 5.03 -1.12 -0.84
C VAL A 197 5.11 -1.31 -2.36
N GLY A 198 4.82 -2.48 -2.85
CA GLY A 198 5.16 -2.89 -4.20
C GLY A 198 4.48 -2.10 -5.27
N ASN A 199 5.26 -1.88 -6.33
CA ASN A 199 4.75 -1.50 -7.64
C ASN A 199 3.86 -0.28 -7.57
N GLY A 200 4.38 0.74 -6.89
CA GLY A 200 3.83 2.08 -7.09
C GLY A 200 4.37 2.76 -8.36
N LEU A 201 3.91 3.96 -8.65
CA LEU A 201 4.26 4.66 -9.87
C LEU A 201 4.27 6.11 -9.59
N VAL A 202 5.47 6.70 -9.70
CA VAL A 202 5.68 8.13 -9.52
C VAL A 202 5.82 8.74 -10.94
N ILE A 203 5.07 9.82 -11.16
CA ILE A 203 5.06 10.53 -12.45
C ILE A 203 5.41 11.99 -12.16
N ASP A 204 6.29 12.54 -12.97
CA ASP A 204 6.70 13.98 -12.91
C ASP A 204 5.75 14.78 -13.80
N ALA A 205 5.04 15.74 -13.25
CA ALA A 205 4.14 16.50 -14.06
C ALA A 205 4.83 17.33 -15.14
N GLU A 206 5.96 17.94 -14.87
CA GLU A 206 6.59 18.78 -15.87
C GLU A 206 7.00 18.02 -17.11
N SER A 207 7.68 16.91 -16.91
CA SER A 207 8.18 16.13 -17.98
C SER A 207 7.19 15.12 -18.55
N GLU A 208 6.09 14.98 -17.80
CA GLU A 208 5.05 13.99 -18.16
C GLU A 208 5.59 12.58 -18.22
N SER A 209 6.60 12.27 -17.40
CA SER A 209 7.30 11.03 -17.50
C SER A 209 7.35 10.33 -16.16
N VAL A 210 7.45 9.00 -16.21
CA VAL A 210 7.90 8.29 -15.03
C VAL A 210 9.32 8.68 -14.66
N VAL A 211 9.74 8.33 -13.42
CA VAL A 211 11.03 8.82 -12.91
C VAL A 211 12.07 7.76 -12.72
N ILE A 212 11.70 6.48 -12.85
CA ILE A 212 12.64 5.42 -12.95
C ILE A 212 12.47 4.66 -14.27
N LYS A 213 13.63 4.15 -14.73
CA LYS A 213 13.69 3.49 -16.05
C LYS A 213 13.13 2.06 -16.09
N PRO A 214 13.50 1.16 -15.12
CA PRO A 214 12.98 -0.23 -15.19
C PRO A 214 11.46 -0.26 -15.02
N LYS A 215 10.89 -1.38 -15.50
CA LYS A 215 9.49 -1.71 -15.26
C LYS A 215 8.54 -0.57 -15.61
N GLN A 216 8.80 0.18 -16.67
CA GLN A 216 7.96 1.24 -17.13
C GLN A 216 7.61 2.26 -15.99
N GLY A 217 8.56 2.46 -15.05
CA GLY A 217 8.44 3.39 -13.98
C GLY A 217 7.89 2.81 -12.68
N PHE A 218 7.43 1.57 -12.68
CA PHE A 218 6.84 0.94 -11.47
C PHE A 218 7.99 0.54 -10.57
N GLY A 219 7.81 0.73 -9.24
CA GLY A 219 8.77 0.32 -8.29
C GLY A 219 8.23 0.36 -6.89
N GLY A 220 9.03 -0.13 -5.99
CA GLY A 220 8.60 -0.19 -4.56
C GLY A 220 8.69 1.12 -3.92
N LEU A 221 7.68 1.42 -3.07
CA LEU A 221 7.64 2.71 -2.36
C LEU A 221 8.19 2.57 -0.93
N GLY A 222 8.94 3.60 -0.51
CA GLY A 222 9.31 3.71 0.87
C GLY A 222 9.11 5.13 1.33
N GLY A 223 9.40 5.33 2.63
CA GLY A 223 9.31 6.60 3.21
C GLY A 223 7.96 6.98 3.80
N LYS A 224 7.64 8.30 3.77
CA LYS A 224 6.46 8.78 4.47
C LYS A 224 5.20 8.21 3.96
N TYR A 225 5.16 7.83 2.66
CA TYR A 225 4.01 7.17 2.11
C TYR A 225 3.56 5.94 2.92
N ILE A 226 4.53 5.24 3.47
CA ILE A 226 4.29 3.87 3.91
C ILE A 226 4.23 3.67 5.44
N LEU A 227 4.32 4.75 6.20
CA LEU A 227 4.39 4.61 7.70
C LEU A 227 3.13 3.92 8.27
N PRO A 228 1.92 4.33 7.89
CA PRO A 228 0.78 3.66 8.53
C PRO A 228 0.64 2.16 8.10
N THR A 229 1.05 1.87 6.87
CA THR A 229 1.17 0.47 6.41
C THR A 229 2.14 -0.29 7.23
N ALA A 230 3.32 0.27 7.40
CA ALA A 230 4.36 -0.36 8.19
C ALA A 230 3.92 -0.64 9.60
N LEU A 231 3.34 0.37 10.28
CA LEU A 231 2.84 0.22 11.63
C LEU A 231 1.82 -0.92 11.75
N ALA A 232 0.90 -0.93 10.80
CA ALA A 232 -0.17 -1.99 10.76
C ALA A 232 0.47 -3.35 10.70
N ASN A 233 1.50 -3.52 9.84
CA ASN A 233 2.06 -4.80 9.72
C ASN A 233 2.87 -5.20 10.95
N VAL A 234 3.65 -4.29 11.50
CA VAL A 234 4.37 -4.49 12.74
C VAL A 234 3.35 -4.97 13.77
N ASN A 235 2.27 -4.23 13.97
CA ASN A 235 1.36 -4.60 15.08
C ASN A 235 0.64 -5.91 14.79
N ALA A 236 0.27 -6.14 13.52
CA ALA A 236 -0.45 -7.32 13.22
C ALA A 236 0.39 -8.50 13.52
N PHE A 237 1.68 -8.52 13.15
CA PHE A 237 2.55 -9.63 13.42
C PHE A 237 2.98 -9.68 14.86
N TYR A 238 3.09 -8.57 15.56
CA TYR A 238 3.37 -8.53 16.99
C TYR A 238 2.27 -9.29 17.72
N ARG A 239 1.03 -9.00 17.35
CA ARG A 239 -0.11 -9.65 18.02
C ARG A 239 -0.14 -11.12 17.68
N ARG A 240 0.20 -11.52 16.47
CA ARG A 240 0.01 -12.90 16.02
C ARG A 240 1.20 -13.79 16.32
N CYS A 241 2.36 -13.23 16.55
CA CYS A 241 3.57 -14.03 16.74
C CYS A 241 4.18 -13.70 18.07
N PRO A 242 3.51 -14.06 19.16
CA PRO A 242 4.00 -13.82 20.49
C PRO A 242 5.32 -14.40 20.85
N ASP A 243 5.75 -15.47 20.22
CA ASP A 243 7.04 -16.10 20.50
C ASP A 243 8.11 -15.66 19.56
N LYS A 244 7.88 -14.60 18.76
CA LYS A 244 8.88 -14.08 17.89
C LYS A 244 9.11 -12.60 18.22
N LEU A 245 10.22 -12.08 17.75
CA LEU A 245 10.45 -10.64 17.76
C LEU A 245 9.92 -10.07 16.40
N VAL A 246 9.51 -8.81 16.43
CA VAL A 246 9.15 -8.05 15.25
C VAL A 246 10.09 -6.93 15.10
N PHE A 247 10.67 -6.75 13.93
CA PHE A 247 11.53 -5.59 13.65
C PHE A 247 10.73 -4.69 12.75
N GLY A 248 10.70 -3.35 13.01
CA GLY A 248 9.95 -2.45 12.20
C GLY A 248 10.78 -1.78 11.15
N CYS A 249 10.22 -1.61 9.97
CA CYS A 249 10.84 -0.92 8.93
C CYS A 249 9.78 -0.27 8.13
N GLY A 250 9.91 0.99 7.87
CA GLY A 250 9.03 1.71 6.98
C GLY A 250 8.69 3.07 7.49
N GLY A 251 9.10 4.12 6.79
CA GLY A 251 8.63 5.44 7.12
C GLY A 251 9.30 6.08 8.30
N VAL A 252 10.44 5.58 8.76
CA VAL A 252 11.09 6.19 9.92
C VAL A 252 11.95 7.37 9.43
N TYR A 253 11.61 8.59 9.89
CA TYR A 253 12.43 9.80 9.63
C TYR A 253 12.79 10.44 10.92
N SER A 254 12.24 10.05 12.04
CA SER A 254 12.39 10.76 13.31
C SER A 254 12.28 9.84 14.41
N GLY A 255 12.74 10.30 15.58
CA GLY A 255 12.56 9.48 16.78
C GLY A 255 11.07 9.28 17.15
N GLU A 256 10.24 10.20 16.76
CA GLU A 256 8.76 10.02 16.92
C GLU A 256 8.27 8.86 16.10
N ASP A 257 8.72 8.79 14.89
CA ASP A 257 8.30 7.68 14.06
C ASP A 257 8.82 6.37 14.62
N ALA A 258 10.04 6.35 15.14
CA ALA A 258 10.60 5.15 15.77
C ALA A 258 9.78 4.71 17.02
N PHE A 259 9.42 5.74 17.80
CA PHE A 259 8.55 5.57 18.94
C PHE A 259 7.22 4.89 18.59
N LEU A 260 6.62 5.31 17.49
CA LEU A 260 5.43 4.66 17.01
C LEU A 260 5.62 3.18 16.64
N HIS A 261 6.73 2.88 15.93
CA HIS A 261 7.03 1.53 15.58
C HIS A 261 7.24 0.70 16.84
N ILE A 262 7.88 1.25 17.88
CA ILE A 262 8.10 0.49 19.07
C ILE A 262 6.76 0.32 19.83
N LEU A 263 5.92 1.33 19.92
CA LEU A 263 4.59 1.17 20.47
C LEU A 263 3.79 0.05 19.81
N ALA A 264 4.00 -0.06 18.48
CA ALA A 264 3.32 -1.06 17.71
C ALA A 264 3.82 -2.45 17.93
N GLY A 265 5.00 -2.55 18.48
CA GLY A 265 5.62 -3.81 18.77
C GLY A 265 7.10 -4.03 18.34
N ALA A 266 7.70 -3.07 17.67
CA ALA A 266 9.06 -3.27 17.14
C ALA A 266 10.10 -3.40 18.22
N SER A 267 11.00 -4.39 18.02
CA SER A 267 12.24 -4.54 18.81
C SER A 267 13.34 -3.73 18.22
N MET A 268 13.70 -3.97 16.99
CA MET A 268 14.67 -3.11 16.26
C MET A 268 13.82 -2.30 15.26
N VAL A 269 14.41 -1.13 14.87
CA VAL A 269 13.74 -0.20 13.98
C VAL A 269 14.82 0.04 12.86
N GLN A 270 14.40 -0.18 11.66
CA GLN A 270 15.23 -0.11 10.46
C GLN A 270 14.89 1.16 9.70
N VAL A 271 15.90 1.75 9.08
CA VAL A 271 15.77 3.04 8.44
C VAL A 271 16.27 2.92 7.00
N GLY A 272 15.39 3.06 6.02
CA GLY A 272 15.70 2.98 4.61
C GLY A 272 15.81 4.24 3.88
N THR A 273 14.70 4.71 3.33
CA THR A 273 14.70 5.99 2.61
C THR A 273 15.31 7.09 3.36
N ALA A 274 14.96 7.29 4.62
CA ALA A 274 15.51 8.49 5.29
C ALA A 274 17.04 8.43 5.44
N LEU A 275 17.55 7.23 5.60
CA LEU A 275 18.99 7.00 5.68
C LEU A 275 19.61 7.28 4.30
N GLN A 276 19.04 6.79 3.23
CA GLN A 276 19.51 7.07 1.87
C GLN A 276 19.55 8.56 1.65
N GLU A 277 18.60 9.31 2.14
CA GLU A 277 18.54 10.72 1.94
C GLU A 277 19.39 11.53 2.85
N GLU A 278 19.51 11.16 4.13
CA GLU A 278 20.16 12.05 5.10
C GLU A 278 21.57 11.58 5.35
N GLY A 279 21.87 10.32 5.17
CA GLY A 279 23.11 9.75 5.47
C GLY A 279 23.20 9.21 6.90
N PRO A 280 24.36 8.61 7.26
CA PRO A 280 24.46 7.90 8.51
C PRO A 280 24.46 8.73 9.76
N GLY A 281 24.62 10.04 9.61
CA GLY A 281 24.40 10.92 10.73
C GLY A 281 22.98 10.87 11.29
N ILE A 282 22.01 10.33 10.50
CA ILE A 282 20.65 10.24 10.97
C ILE A 282 20.59 9.45 12.27
N PHE A 283 21.48 8.49 12.50
CA PHE A 283 21.35 7.64 13.69
C PHE A 283 21.51 8.37 14.94
N THR A 284 22.39 9.35 15.02
CA THR A 284 22.54 10.15 16.24
C THR A 284 21.33 10.96 16.50
N ARG A 285 20.73 11.54 15.47
CA ARG A 285 19.50 12.31 15.58
C ARG A 285 18.36 11.46 16.01
N LEU A 286 18.19 10.29 15.43
CA LEU A 286 17.10 9.42 15.86
C LEU A 286 17.22 8.98 17.30
N GLU A 287 18.41 8.63 17.74
CA GLU A 287 18.64 8.28 19.15
C GLU A 287 18.28 9.43 20.05
N ASP A 288 18.73 10.63 19.72
CA ASP A 288 18.49 11.75 20.63
C ASP A 288 17.00 12.08 20.66
N GLU A 289 16.35 12.01 19.50
CA GLU A 289 14.92 12.31 19.45
C GLU A 289 14.13 11.26 20.23
N LEU A 290 14.44 10.01 20.06
CA LEU A 290 13.77 8.94 20.81
C LEU A 290 13.95 9.07 22.32
N LEU A 291 15.17 9.34 22.76
CA LEU A 291 15.40 9.53 24.19
C LEU A 291 14.67 10.77 24.68
N GLU A 292 14.52 11.80 23.86
CA GLU A 292 13.80 13.02 24.25
C GLU A 292 12.35 12.72 24.48
N ILE A 293 11.71 11.97 23.59
CA ILE A 293 10.29 11.58 23.77
C ILE A 293 10.13 10.71 25.02
N MET A 294 11.02 9.76 25.21
CA MET A 294 10.98 8.89 26.41
C MET A 294 11.04 9.76 27.65
N ALA A 295 11.95 10.74 27.64
CA ALA A 295 12.18 11.56 28.85
C ALA A 295 10.91 12.35 29.12
N ARG A 296 10.31 12.94 28.12
CA ARG A 296 9.12 13.73 28.33
C ARG A 296 7.97 12.90 28.90
N LYS A 297 7.91 11.65 28.50
CA LYS A 297 6.86 10.74 28.95
C LYS A 297 7.17 9.99 30.27
N GLY A 298 8.40 10.06 30.76
CA GLY A 298 8.78 9.28 31.93
C GLY A 298 9.12 7.85 31.68
N TYR A 299 9.47 7.45 30.45
CA TYR A 299 9.84 6.10 30.20
C TYR A 299 11.35 5.99 30.30
N ARG A 300 11.79 4.98 31.01
CA ARG A 300 13.19 4.74 31.19
C ARG A 300 13.69 3.62 30.29
N THR A 301 12.85 2.74 29.79
CA THR A 301 13.24 1.59 29.04
C THR A 301 12.31 1.52 27.82
N LEU A 302 12.79 0.84 26.78
CA LEU A 302 11.91 0.47 25.66
C LEU A 302 10.86 -0.53 25.99
N GLU A 303 11.21 -1.47 26.88
CA GLU A 303 10.26 -2.48 27.31
C GLU A 303 9.01 -1.87 27.99
N GLU A 304 9.12 -0.70 28.57
CA GLU A 304 7.99 -0.08 29.22
C GLU A 304 6.89 0.23 28.25
N PHE A 305 7.21 0.44 26.96
CA PHE A 305 6.16 0.83 26.03
C PHE A 305 6.08 -0.03 24.80
N ARG A 306 7.01 -0.97 24.59
CA ARG A 306 6.97 -1.74 23.34
C ARG A 306 5.68 -2.54 23.29
N GLY A 307 4.95 -2.42 22.19
CA GLY A 307 3.77 -3.18 22.00
C GLY A 307 2.57 -2.62 22.76
N ARG A 308 2.73 -1.52 23.43
CA ARG A 308 1.68 -0.99 24.32
C ARG A 308 0.80 0.05 23.72
N VAL A 309 0.74 0.12 22.38
CA VAL A 309 -0.23 0.97 21.71
C VAL A 309 -1.66 0.69 22.32
N LYS A 310 -2.33 1.74 22.64
CA LYS A 310 -3.67 1.65 23.18
C LYS A 310 -4.73 1.59 22.09
N THR A 311 -5.76 0.79 22.31
CA THR A 311 -6.92 0.76 21.43
C THR A 311 -8.03 1.47 22.13
N ILE A 312 -9.04 1.81 21.36
CA ILE A 312 -10.19 2.58 21.88
C ILE A 312 -11.32 1.62 22.23
N GLU A 313 -11.69 1.75 23.50
CA GLU A 313 -12.83 1.12 24.14
C GLU A 313 -12.65 -0.32 24.45
N MET B 1 -10.02 25.48 -25.21
CA MET B 1 -9.53 24.63 -24.01
C MET B 1 -10.63 24.12 -23.07
N CYS B 2 -10.74 22.81 -22.88
CA CYS B 2 -11.94 22.38 -22.20
C CYS B 2 -11.75 21.02 -21.52
N LEU B 3 -12.49 20.93 -20.42
CA LEU B 3 -12.43 19.70 -19.63
C LEU B 3 -13.51 18.73 -19.93
N LYS B 4 -14.30 18.95 -20.96
CA LYS B 4 -15.43 18.07 -21.29
C LYS B 4 -15.01 16.66 -21.64
N LEU B 5 -15.85 15.71 -21.27
CA LEU B 5 -15.73 14.31 -21.64
C LEU B 5 -17.06 13.77 -22.11
N ASN B 6 -17.05 12.84 -23.04
CA ASN B 6 -18.26 12.10 -23.43
C ASN B 6 -17.90 10.66 -23.38
N LEU B 7 -18.46 9.98 -22.40
CA LEU B 7 -18.18 8.56 -22.22
C LEU B 7 -19.39 7.87 -21.65
N LEU B 8 -19.49 6.57 -21.91
CA LEU B 8 -20.57 5.76 -21.38
C LEU B 8 -21.95 6.32 -21.78
N ASP B 9 -21.98 6.92 -22.97
CA ASP B 9 -23.16 7.57 -23.48
C ASP B 9 -23.70 8.73 -22.64
N HIS B 10 -22.81 9.37 -21.90
CA HIS B 10 -23.10 10.58 -21.13
C HIS B 10 -22.10 11.65 -21.43
N VAL B 11 -22.50 12.87 -21.10
CA VAL B 11 -21.66 14.01 -21.27
C VAL B 11 -21.35 14.56 -19.88
N PHE B 12 -20.06 14.87 -19.66
CA PHE B 12 -19.54 15.34 -18.39
C PHE B 12 -18.86 16.70 -18.62
N ALA B 13 -19.16 17.65 -17.79
CA ALA B 13 -18.55 18.99 -17.95
C ALA B 13 -17.04 19.01 -17.66
N ASN B 14 -16.65 18.07 -16.80
CA ASN B 14 -15.30 17.95 -16.34
C ASN B 14 -15.16 16.55 -15.77
N PRO B 15 -13.91 16.16 -15.51
CA PRO B 15 -13.72 14.73 -15.06
C PRO B 15 -13.92 14.50 -13.58
N PHE B 16 -14.14 15.49 -12.84
CA PHE B 16 -14.10 15.41 -11.32
C PHE B 16 -15.45 14.97 -10.80
N MET B 17 -15.33 14.09 -9.81
CA MET B 17 -16.47 13.62 -9.07
C MET B 17 -16.03 13.26 -7.63
N ASN B 18 -17.00 13.09 -6.75
CA ASN B 18 -16.67 12.48 -5.48
C ASN B 18 -16.25 11.05 -5.61
N ALA B 19 -15.45 10.57 -4.65
CA ALA B 19 -15.28 9.16 -4.44
C ALA B 19 -16.45 8.60 -3.60
N ALA B 20 -16.83 7.35 -3.89
CA ALA B 20 -17.84 6.78 -3.16
C ALA B 20 -17.51 6.79 -1.68
N GLY B 21 -18.52 7.06 -0.91
CA GLY B 21 -18.41 7.17 0.48
C GLY B 21 -18.26 8.58 1.02
N VAL B 22 -17.79 9.48 0.21
CA VAL B 22 -17.55 10.87 0.66
C VAL B 22 -18.66 11.77 0.10
N LEU B 23 -19.35 12.52 0.99
CA LEU B 23 -20.38 13.50 0.62
C LEU B 23 -21.45 12.89 -0.29
N CYS B 24 -21.94 11.71 0.11
CA CYS B 24 -22.88 11.07 -0.76
C CYS B 24 -23.84 10.09 -0.11
N SER B 25 -24.03 10.15 1.20
CA SER B 25 -24.85 9.19 1.97
C SER B 25 -26.29 9.58 2.09
N THR B 26 -26.61 10.83 2.26
CA THR B 26 -27.96 11.32 2.49
C THR B 26 -28.46 12.10 1.32
N GLU B 27 -29.73 12.37 1.25
CA GLU B 27 -30.31 13.23 0.25
C GLU B 27 -29.64 14.59 0.29
N GLU B 28 -29.38 15.13 1.49
CA GLU B 28 -28.74 16.41 1.61
C GLU B 28 -27.34 16.36 0.90
N ASP B 29 -26.57 15.31 1.17
CA ASP B 29 -25.25 15.14 0.59
C ASP B 29 -25.31 15.10 -0.92
N LEU B 30 -26.25 14.32 -1.45
CA LEU B 30 -26.39 14.17 -2.89
C LEU B 30 -26.81 15.42 -3.57
N ARG B 31 -27.70 16.21 -2.93
CA ARG B 31 -28.07 17.50 -3.41
C ARG B 31 -26.90 18.44 -3.40
N CYS B 32 -26.04 18.37 -2.40
CA CYS B 32 -24.84 19.17 -2.29
C CYS B 32 -23.86 18.88 -3.45
N MET B 33 -23.63 17.60 -3.65
CA MET B 33 -22.76 17.18 -4.76
C MET B 33 -23.34 17.63 -6.08
N THR B 34 -24.67 17.53 -6.23
CA THR B 34 -25.31 17.93 -7.48
C THR B 34 -25.16 19.45 -7.71
N ALA B 35 -25.21 20.24 -6.65
CA ALA B 35 -25.07 21.69 -6.75
C ALA B 35 -23.63 22.16 -6.98
N SER B 36 -22.67 21.28 -6.66
CA SER B 36 -21.27 21.63 -6.83
C SER B 36 -20.88 21.71 -8.30
N SER B 37 -19.59 22.09 -8.49
CA SER B 37 -19.10 22.20 -9.86
C SER B 37 -18.56 20.87 -10.36
N SER B 38 -18.69 19.76 -9.65
CA SER B 38 -18.19 18.48 -10.13
C SER B 38 -18.88 18.03 -11.43
N GLY B 39 -18.19 17.26 -12.24
CA GLY B 39 -18.76 16.76 -13.44
C GLY B 39 -19.72 15.60 -13.29
N ALA B 40 -19.66 14.90 -12.16
CA ALA B 40 -20.58 13.80 -11.86
C ALA B 40 -20.64 13.64 -10.34
N LEU B 41 -21.40 12.67 -9.88
CA LEU B 41 -21.43 12.28 -8.49
C LEU B 41 -21.74 10.82 -8.45
N VAL B 42 -21.29 10.21 -7.36
CA VAL B 42 -21.56 8.77 -7.07
C VAL B 42 -22.23 8.72 -5.68
N SER B 43 -23.25 7.88 -5.53
CA SER B 43 -23.84 7.66 -4.22
C SER B 43 -23.11 6.70 -3.44
N LYS B 44 -23.26 6.77 -2.11
CA LYS B 44 -22.64 5.89 -1.17
C LYS B 44 -22.91 4.41 -1.48
N SER B 45 -21.85 3.64 -1.41
CA SER B 45 -21.99 2.17 -1.63
C SER B 45 -23.06 1.70 -0.64
N CYS B 46 -23.99 0.91 -1.18
CA CYS B 46 -25.17 0.51 -0.38
C CYS B 46 -25.32 -1.00 -0.34
N THR B 47 -26.08 -1.36 0.71
CA THR B 47 -26.54 -2.71 0.97
C THR B 47 -28.06 -2.72 0.87
N SER B 48 -28.63 -3.94 0.82
CA SER B 48 -30.09 -4.01 0.73
C SER B 48 -30.81 -3.37 1.86
N ALA B 49 -30.31 -3.59 3.06
CA ALA B 49 -30.81 -2.94 4.24
C ALA B 49 -29.96 -1.75 4.69
N PRO B 50 -30.58 -0.78 5.34
CA PRO B 50 -29.81 0.31 5.95
C PRO B 50 -28.82 -0.30 6.98
N ARG B 51 -27.69 0.40 7.16
CA ARG B 51 -26.68 0.09 8.16
C ARG B 51 -26.28 1.32 8.85
N ASP B 52 -26.09 1.17 10.16
CA ASP B 52 -25.55 2.19 11.02
C ASP B 52 -24.03 2.35 10.92
N GLY B 53 -23.38 1.28 10.51
CA GLY B 53 -21.95 1.23 10.47
C GLY B 53 -21.34 1.05 11.82
N ASN B 54 -20.03 1.23 11.86
CA ASN B 54 -19.26 0.98 13.05
C ASN B 54 -19.33 2.12 14.07
N PRO B 55 -18.93 1.81 15.33
CA PRO B 55 -18.84 2.85 16.31
C PRO B 55 -17.78 3.88 16.01
N GLU B 56 -18.01 5.10 16.48
CA GLU B 56 -17.13 6.25 16.27
C GLU B 56 -16.13 6.28 17.40
N PRO B 57 -14.95 6.84 17.14
CA PRO B 57 -14.54 7.42 15.87
C PRO B 57 -14.13 6.36 14.87
N ARG B 58 -14.52 6.60 13.63
CA ARG B 58 -14.35 5.63 12.58
C ARG B 58 -13.69 6.22 11.35
N TYR B 59 -13.46 7.52 11.29
CA TYR B 59 -12.70 8.23 10.25
C TYR B 59 -11.90 9.30 10.96
N MET B 60 -10.63 9.39 10.53
CA MET B 60 -9.81 10.52 10.91
C MET B 60 -8.90 10.94 9.81
N ALA B 61 -8.62 12.22 9.78
CA ALA B 61 -7.76 12.78 8.79
C ALA B 61 -6.62 13.58 9.38
N PHE B 62 -5.52 13.61 8.63
CA PHE B 62 -4.24 14.12 9.03
C PHE B 62 -3.60 14.79 7.81
N PRO B 63 -2.44 15.45 8.01
CA PRO B 63 -1.88 16.13 6.91
C PRO B 63 -1.62 15.30 5.67
N LEU B 64 -1.25 14.05 5.86
CA LEU B 64 -0.92 13.22 4.72
C LEU B 64 -2.05 12.31 4.25
N GLY B 65 -3.21 12.37 4.89
CA GLY B 65 -4.32 11.58 4.41
C GLY B 65 -5.26 11.16 5.46
N SER B 66 -5.95 10.03 5.30
CA SER B 66 -7.02 9.70 6.20
C SER B 66 -6.99 8.14 6.40
N ILE B 67 -7.65 7.74 7.45
CA ILE B 67 -7.91 6.36 7.75
C ILE B 67 -9.37 6.17 8.07
N ASN B 68 -9.95 5.05 7.66
CA ASN B 68 -11.35 4.84 8.00
C ASN B 68 -11.62 3.37 8.12
N SER B 69 -12.54 3.04 9.03
CA SER B 69 -13.23 1.76 9.09
C SER B 69 -14.69 2.05 9.35
N MET B 70 -15.37 2.55 8.35
CA MET B 70 -16.71 3.06 8.55
C MET B 70 -17.70 1.98 8.83
N GLY B 71 -17.49 0.75 8.34
CA GLY B 71 -18.50 -0.30 8.42
C GLY B 71 -19.69 -0.17 7.51
N LEU B 72 -19.50 0.51 6.41
CA LEU B 72 -20.49 0.74 5.37
C LEU B 72 -21.83 1.26 5.96
N PRO B 73 -21.81 2.35 6.65
CA PRO B 73 -23.09 3.05 7.01
C PRO B 73 -23.76 3.55 5.75
N ASN B 74 -25.07 3.29 5.61
CA ASN B 74 -25.74 3.71 4.40
C ASN B 74 -27.26 3.61 4.64
N LEU B 75 -27.99 4.34 3.83
CA LEU B 75 -29.44 4.40 3.98
C LEU B 75 -30.20 3.25 3.34
N GLY B 76 -29.56 2.28 2.75
CA GLY B 76 -30.19 1.11 2.10
C GLY B 76 -30.43 1.39 0.66
N PHE B 77 -30.43 0.34 -0.11
CA PHE B 77 -30.62 0.36 -1.55
C PHE B 77 -31.89 1.10 -1.96
N ASP B 78 -32.99 0.91 -1.27
CA ASP B 78 -34.19 1.47 -1.70
C ASP B 78 -34.12 3.01 -1.70
N PHE B 79 -33.44 3.62 -0.72
CA PHE B 79 -33.20 5.03 -0.73
C PHE B 79 -32.42 5.49 -1.94
N TYR B 80 -31.28 4.84 -2.20
CA TYR B 80 -30.50 5.27 -3.33
C TYR B 80 -31.17 5.08 -4.67
N LEU B 81 -31.94 3.99 -4.77
CA LEU B 81 -32.66 3.74 -6.00
C LEU B 81 -33.75 4.78 -6.19
N LYS B 82 -34.41 5.20 -5.11
CA LYS B 82 -35.41 6.26 -5.17
C LYS B 82 -34.72 7.57 -5.60
N TYR B 83 -33.54 7.86 -5.09
CA TYR B 83 -32.83 9.07 -5.45
C TYR B 83 -32.57 9.04 -6.98
N ALA B 84 -32.09 7.92 -7.47
CA ALA B 84 -31.79 7.80 -8.91
C ALA B 84 -33.07 7.87 -9.73
N SER B 85 -34.16 7.31 -9.21
CA SER B 85 -35.32 7.18 -10.08
C SER B 85 -36.20 8.42 -10.02
N ASP B 86 -36.23 9.14 -8.92
CA ASP B 86 -37.21 10.18 -8.71
C ASP B 86 -36.61 11.53 -8.34
N LEU B 87 -35.42 11.56 -7.69
CA LEU B 87 -34.95 12.81 -7.11
C LEU B 87 -33.86 13.49 -7.86
N HIS B 88 -32.91 12.72 -8.39
CA HIS B 88 -31.75 13.30 -9.06
C HIS B 88 -32.17 14.14 -10.33
N ASP B 89 -31.54 15.28 -10.49
CA ASP B 89 -31.69 16.06 -11.69
C ASP B 89 -30.57 15.74 -12.67
N TYR B 90 -30.86 14.88 -13.60
CA TYR B 90 -29.94 14.44 -14.63
C TYR B 90 -29.50 15.57 -15.58
N SER B 91 -30.29 16.64 -15.61
CA SER B 91 -29.85 17.76 -16.46
C SER B 91 -28.65 18.50 -15.79
N LYS B 92 -28.39 18.30 -14.49
CA LYS B 92 -27.27 18.94 -13.89
C LYS B 92 -25.94 18.19 -14.17
N LYS B 93 -25.96 16.88 -14.00
CA LYS B 93 -24.80 16.03 -14.22
C LYS B 93 -25.21 14.58 -14.12
N PRO B 94 -24.38 13.66 -14.59
CA PRO B 94 -24.65 12.25 -14.45
C PRO B 94 -24.46 11.76 -13.04
N LEU B 95 -25.17 10.65 -12.77
CA LEU B 95 -25.14 9.96 -11.51
C LEU B 95 -24.68 8.56 -11.66
N PHE B 96 -23.73 8.17 -10.78
CA PHE B 96 -23.37 6.81 -10.53
C PHE B 96 -23.96 6.36 -9.20
N LEU B 97 -24.41 5.09 -9.18
CA LEU B 97 -24.85 4.47 -8.00
C LEU B 97 -23.98 3.34 -7.67
N SER B 98 -23.39 3.38 -6.48
CA SER B 98 -22.46 2.31 -6.03
C SER B 98 -23.14 1.32 -5.20
N ILE B 99 -22.89 0.05 -5.47
CA ILE B 99 -23.45 -1.03 -4.69
C ILE B 99 -22.35 -1.84 -4.06
N SER B 100 -22.57 -2.33 -2.85
CA SER B 100 -21.56 -3.14 -2.22
C SER B 100 -22.27 -4.12 -1.28
N GLY B 101 -22.99 -5.10 -1.85
CA GLY B 101 -23.58 -6.14 -1.04
C GLY B 101 -22.57 -7.03 -0.38
N LEU B 102 -23.07 -7.65 0.68
CA LEU B 102 -22.26 -8.50 1.53
C LEU B 102 -22.17 -9.96 1.03
N SER B 103 -22.87 -10.29 -0.04
CA SER B 103 -22.81 -11.57 -0.67
C SER B 103 -23.16 -11.38 -2.13
N VAL B 104 -22.87 -12.42 -2.91
CA VAL B 104 -23.20 -12.31 -4.34
C VAL B 104 -24.72 -12.22 -4.52
N GLU B 105 -25.53 -12.93 -3.70
CA GLU B 105 -26.96 -12.86 -3.85
C GLU B 105 -27.59 -11.43 -3.60
N GLU B 106 -27.00 -10.78 -2.59
CA GLU B 106 -27.40 -9.41 -2.19
C GLU B 106 -27.11 -8.41 -3.37
N ASN B 107 -25.94 -8.55 -3.96
CA ASN B 107 -25.66 -7.76 -5.15
C ASN B 107 -26.63 -8.04 -6.30
N VAL B 108 -26.84 -9.35 -6.57
CA VAL B 108 -27.76 -9.74 -7.65
C VAL B 108 -29.17 -9.12 -7.46
N ALA B 109 -29.60 -9.19 -6.21
CA ALA B 109 -30.91 -8.65 -5.93
C ALA B 109 -31.03 -7.17 -6.19
N MET B 110 -30.00 -6.44 -5.83
CA MET B 110 -29.98 -5.03 -6.08
C MET B 110 -29.91 -4.71 -7.54
N VAL B 111 -28.96 -5.33 -8.24
CA VAL B 111 -28.81 -4.93 -9.62
C VAL B 111 -30.05 -5.33 -10.51
N ARG B 112 -30.72 -6.39 -10.11
CA ARG B 112 -31.99 -6.69 -10.83
C ARG B 112 -32.98 -5.61 -10.76
N ARG B 113 -33.10 -4.94 -9.62
CA ARG B 113 -34.00 -3.83 -9.48
C ARG B 113 -33.45 -2.48 -9.95
N LEU B 114 -32.10 -2.37 -10.00
CA LEU B 114 -31.53 -1.15 -10.60
C LEU B 114 -31.65 -1.09 -12.13
N ALA B 115 -31.63 -2.25 -12.77
CA ALA B 115 -31.58 -2.33 -14.24
C ALA B 115 -32.64 -1.46 -14.88
N PRO B 116 -33.92 -1.57 -14.51
CA PRO B 116 -34.93 -0.76 -15.22
C PRO B 116 -34.73 0.76 -15.04
N VAL B 117 -34.21 1.16 -13.89
CA VAL B 117 -33.93 2.54 -13.63
C VAL B 117 -32.68 3.01 -14.42
N ALA B 118 -31.67 2.16 -14.51
CA ALA B 118 -30.55 2.45 -15.37
C ALA B 118 -30.94 2.63 -16.79
N GLN B 119 -31.77 1.74 -17.30
CA GLN B 119 -32.24 1.89 -18.66
C GLN B 119 -33.10 3.09 -18.89
N GLU B 120 -34.01 3.43 -17.98
CA GLU B 120 -34.86 4.56 -18.18
C GLU B 120 -34.22 5.92 -17.90
N LYS B 121 -33.39 6.01 -16.84
CA LYS B 121 -32.90 7.31 -16.38
C LYS B 121 -31.39 7.55 -16.65
N GLY B 122 -30.71 6.47 -16.92
CA GLY B 122 -29.28 6.50 -17.28
C GLY B 122 -28.33 6.57 -16.07
N VAL B 123 -28.83 6.27 -14.86
CA VAL B 123 -27.88 6.03 -13.75
C VAL B 123 -26.93 4.95 -14.12
N LEU B 124 -25.66 5.13 -13.75
CA LEU B 124 -24.54 4.24 -13.97
C LEU B 124 -24.13 3.49 -12.72
N LEU B 125 -24.03 2.19 -12.87
CA LEU B 125 -23.70 1.32 -11.72
C LEU B 125 -22.18 1.21 -11.56
N GLU B 126 -21.71 1.43 -10.34
CA GLU B 126 -20.36 1.11 -9.88
C GLU B 126 -20.44 0.01 -8.78
N LEU B 127 -19.93 -1.18 -9.10
CA LEU B 127 -19.94 -2.29 -8.15
C LEU B 127 -18.65 -2.29 -7.39
N ASN B 128 -18.77 -2.18 -6.07
CA ASN B 128 -17.61 -2.19 -5.22
C ASN B 128 -17.21 -3.59 -4.88
N LEU B 129 -16.04 -3.92 -5.41
CA LEU B 129 -15.51 -5.29 -5.16
C LEU B 129 -14.52 -5.32 -4.01
N SER B 130 -14.22 -4.15 -3.44
CA SER B 130 -13.09 -3.97 -2.55
C SER B 130 -13.81 -3.96 -1.27
N CYS B 131 -14.34 -5.13 -0.93
CA CYS B 131 -15.35 -5.33 0.00
C CYS B 131 -15.44 -6.78 0.68
N PRO B 132 -15.77 -6.90 1.95
CA PRO B 132 -15.89 -8.27 2.50
C PRO B 132 -16.87 -9.23 1.90
N ASN B 133 -16.52 -10.52 1.97
CA ASN B 133 -17.44 -11.62 1.67
C ASN B 133 -17.49 -12.43 2.98
N VAL B 134 -16.92 -13.61 3.01
CA VAL B 134 -16.91 -14.43 4.22
C VAL B 134 -15.83 -13.94 5.14
N PRO B 135 -16.12 -13.59 6.43
CA PRO B 135 -15.01 -13.24 7.33
C PRO B 135 -13.96 -14.39 7.47
N GLY B 136 -12.69 -14.04 7.47
CA GLY B 136 -11.59 -14.95 7.34
C GLY B 136 -11.10 -15.27 5.95
N LYS B 137 -11.84 -14.78 4.97
CA LYS B 137 -11.40 -14.79 3.61
C LYS B 137 -11.10 -13.34 3.23
N PRO B 138 -10.24 -13.21 2.20
CA PRO B 138 -9.92 -11.85 1.72
C PRO B 138 -11.09 -11.14 1.17
N GLN B 139 -11.01 -9.79 1.08
CA GLN B 139 -11.99 -9.09 0.32
C GLN B 139 -12.18 -9.68 -1.07
N VAL B 140 -13.35 -9.43 -1.65
CA VAL B 140 -13.76 -10.08 -2.87
C VAL B 140 -12.72 -9.92 -3.97
N ALA B 141 -12.19 -8.72 -4.17
CA ALA B 141 -11.27 -8.49 -5.29
C ALA B 141 -9.81 -8.96 -4.99
N TYR B 142 -9.58 -9.45 -3.78
CA TYR B 142 -8.41 -10.18 -3.48
C TYR B 142 -8.58 -11.71 -3.51
N ASP B 143 -9.75 -12.18 -3.97
CA ASP B 143 -10.05 -13.59 -4.13
C ASP B 143 -10.56 -13.72 -5.56
N PHE B 144 -9.65 -14.06 -6.49
CA PHE B 144 -9.97 -14.02 -7.89
C PHE B 144 -11.14 -14.90 -8.29
N GLU B 145 -11.28 -16.04 -7.64
CA GLU B 145 -12.43 -16.85 -7.89
C GLU B 145 -13.72 -16.26 -7.44
N ALA B 146 -13.75 -15.64 -6.27
CA ALA B 146 -14.95 -14.96 -5.85
C ALA B 146 -15.24 -13.81 -6.77
N MET B 147 -14.22 -13.05 -7.13
CA MET B 147 -14.39 -11.92 -8.04
C MET B 147 -15.08 -12.36 -9.32
N ARG B 148 -14.59 -13.45 -9.86
CA ARG B 148 -15.17 -13.97 -11.08
C ARG B 148 -16.64 -14.34 -10.91
N THR B 149 -16.95 -15.02 -9.82
CA THR B 149 -18.37 -15.36 -9.52
C THR B 149 -19.22 -14.14 -9.43
N TYR B 150 -18.78 -13.14 -8.67
CA TYR B 150 -19.55 -11.95 -8.56
C TYR B 150 -19.81 -11.32 -9.92
N LEU B 151 -18.80 -11.20 -10.77
CA LEU B 151 -18.94 -10.57 -12.05
C LEU B 151 -19.80 -11.34 -13.00
N GLN B 152 -19.71 -12.67 -12.92
CA GLN B 152 -20.61 -13.50 -13.72
C GLN B 152 -22.10 -13.34 -13.36
N GLN B 153 -22.31 -13.34 -12.05
CA GLN B 153 -23.68 -13.21 -11.61
C GLN B 153 -24.23 -11.86 -11.76
N VAL B 154 -23.46 -10.81 -11.49
CA VAL B 154 -23.96 -9.50 -11.72
C VAL B 154 -24.14 -9.16 -13.21
N SER B 155 -23.23 -9.59 -14.07
CA SER B 155 -23.40 -9.41 -15.50
C SER B 155 -24.73 -10.06 -15.98
N LEU B 156 -24.99 -11.29 -15.53
CA LEU B 156 -26.22 -11.97 -15.92
C LEU B 156 -27.46 -11.27 -15.42
N ALA B 157 -27.42 -10.81 -14.18
CA ALA B 157 -28.56 -10.22 -13.56
C ALA B 157 -28.89 -8.83 -14.05
N TYR B 158 -27.85 -8.06 -14.36
CA TYR B 158 -27.98 -6.68 -14.72
C TYR B 158 -28.21 -6.45 -16.20
N GLY B 159 -27.29 -7.01 -16.99
CA GLY B 159 -27.41 -7.07 -18.42
C GLY B 159 -27.11 -5.76 -19.13
N LEU B 160 -26.49 -4.79 -18.44
CA LEU B 160 -26.18 -3.44 -18.95
C LEU B 160 -24.75 -3.13 -18.61
N PRO B 161 -24.16 -2.17 -19.30
CA PRO B 161 -22.76 -1.78 -18.98
C PRO B 161 -22.71 -1.23 -17.50
N PHE B 162 -21.63 -1.62 -16.83
CA PHE B 162 -21.42 -1.20 -15.48
C PHE B 162 -19.92 -1.05 -15.25
N GLY B 163 -19.55 -0.53 -14.10
CA GLY B 163 -18.14 -0.52 -13.72
C GLY B 163 -17.91 -1.08 -12.37
N VAL B 164 -16.62 -1.26 -12.05
CA VAL B 164 -16.18 -1.90 -10.83
C VAL B 164 -15.19 -1.02 -10.11
N LYS B 165 -15.32 -0.93 -8.83
CA LYS B 165 -14.36 -0.25 -7.97
C LYS B 165 -13.42 -1.27 -7.41
N MET B 166 -12.12 -1.08 -7.61
CA MET B 166 -11.05 -2.10 -7.29
C MET B 166 -10.16 -1.63 -6.19
N PRO B 167 -9.77 -2.54 -5.30
CA PRO B 167 -8.73 -2.23 -4.37
C PRO B 167 -7.41 -2.13 -5.11
N PRO B 168 -6.43 -1.48 -4.49
CA PRO B 168 -5.09 -1.55 -5.03
C PRO B 168 -4.45 -2.93 -4.98
N TYR B 169 -3.63 -3.17 -5.99
CA TYR B 169 -2.76 -4.35 -6.00
C TYR B 169 -1.30 -3.86 -6.00
N PHE B 170 -0.41 -4.75 -5.59
CA PHE B 170 0.98 -4.44 -5.31
C PHE B 170 2.00 -5.38 -5.98
N ASP B 171 1.50 -6.29 -6.78
CA ASP B 171 2.33 -7.35 -7.42
C ASP B 171 1.90 -7.40 -8.87
N ILE B 172 2.87 -7.45 -9.79
CA ILE B 172 2.59 -7.52 -11.21
C ILE B 172 1.74 -8.73 -11.54
N ALA B 173 1.99 -9.84 -10.87
CA ALA B 173 1.20 -11.07 -11.18
C ALA B 173 -0.24 -10.82 -10.87
N HIS B 174 -0.52 -10.04 -9.78
CA HIS B 174 -1.90 -9.68 -9.43
C HIS B 174 -2.53 -8.72 -10.41
N PHE B 175 -1.80 -7.76 -10.92
CA PHE B 175 -2.31 -6.87 -11.94
C PHE B 175 -2.70 -7.71 -13.11
N ASP B 176 -1.81 -8.65 -13.50
CA ASP B 176 -2.12 -9.48 -14.69
C ASP B 176 -3.36 -10.30 -14.47
N THR B 177 -3.49 -10.98 -13.35
CA THR B 177 -4.62 -11.83 -13.08
C THR B 177 -5.93 -11.02 -12.96
N ALA B 178 -5.87 -9.94 -12.18
CA ALA B 178 -7.08 -9.16 -11.97
C ALA B 178 -7.55 -8.60 -13.31
N ALA B 179 -6.68 -8.06 -14.15
CA ALA B 179 -7.16 -7.53 -15.40
C ALA B 179 -7.69 -8.63 -16.30
N ALA B 180 -7.08 -9.77 -16.32
CA ALA B 180 -7.59 -10.92 -17.05
C ALA B 180 -8.97 -11.28 -16.60
N VAL B 181 -9.25 -11.28 -15.29
CA VAL B 181 -10.61 -11.53 -14.85
C VAL B 181 -11.50 -10.51 -15.42
N LEU B 182 -11.22 -9.21 -15.25
CA LEU B 182 -12.07 -8.17 -15.74
C LEU B 182 -12.38 -8.23 -17.23
N ASN B 183 -11.38 -8.65 -17.98
CA ASN B 183 -11.48 -8.70 -19.42
C ASN B 183 -12.38 -9.87 -19.90
N GLU B 184 -12.71 -10.75 -19.02
CA GLU B 184 -13.72 -11.82 -19.33
C GLU B 184 -15.10 -11.27 -19.42
N PHE B 185 -15.34 -10.04 -18.95
CA PHE B 185 -16.66 -9.50 -18.79
C PHE B 185 -16.85 -8.26 -19.63
N PRO B 186 -17.44 -8.37 -20.82
CA PRO B 186 -17.64 -7.28 -21.75
C PRO B 186 -18.57 -6.16 -21.20
N LEU B 187 -19.45 -6.48 -20.25
CA LEU B 187 -20.27 -5.43 -19.67
C LEU B 187 -19.55 -4.56 -18.67
N VAL B 188 -18.36 -4.98 -18.22
CA VAL B 188 -17.54 -4.11 -17.38
C VAL B 188 -16.88 -3.09 -18.26
N LYS B 189 -17.46 -1.88 -18.29
CA LYS B 189 -17.02 -0.85 -19.18
C LYS B 189 -16.03 0.12 -18.54
N PHE B 190 -16.02 0.21 -17.23
CA PHE B 190 -15.06 1.08 -16.53
C PHE B 190 -14.59 0.39 -15.28
N VAL B 191 -13.37 0.78 -14.91
CA VAL B 191 -12.66 0.25 -13.75
C VAL B 191 -12.18 1.40 -12.96
N THR B 192 -12.60 1.48 -11.69
CA THR B 192 -12.16 2.60 -10.84
C THR B 192 -11.04 2.10 -9.97
N CYS B 193 -9.87 2.72 -10.08
CA CYS B 193 -8.65 2.37 -9.37
C CYS B 193 -8.25 3.62 -8.63
N VAL B 194 -8.30 3.70 -7.31
CA VAL B 194 -8.37 2.60 -6.37
C VAL B 194 -9.27 2.96 -5.16
N ASN B 195 -9.78 1.93 -4.53
CA ASN B 195 -10.26 2.00 -3.14
C ASN B 195 -9.08 2.26 -2.16
N SER B 196 -9.38 2.33 -0.89
CA SER B 196 -8.33 2.63 0.03
C SER B 196 -7.27 1.57 0.08
N VAL B 197 -6.11 1.97 0.53
CA VAL B 197 -5.05 1.01 0.83
C VAL B 197 -5.35 0.32 2.19
N GLY B 198 -5.69 -0.94 2.14
CA GLY B 198 -6.29 -1.60 3.26
C GLY B 198 -5.46 -1.73 4.50
N ASN B 199 -6.18 -1.64 5.60
CA ASN B 199 -5.67 -2.04 6.88
C ASN B 199 -4.33 -1.48 7.24
N GLY B 200 -4.21 -0.16 7.08
CA GLY B 200 -3.15 0.59 7.69
C GLY B 200 -3.46 0.87 9.13
N LEU B 201 -2.53 1.48 9.84
CA LEU B 201 -2.68 1.71 11.26
C LEU B 201 -2.05 3.10 11.56
N VAL B 202 -2.85 4.08 12.01
CA VAL B 202 -2.33 5.34 12.46
C VAL B 202 -2.29 5.33 14.00
N ILE B 203 -1.18 5.76 14.51
CA ILE B 203 -1.01 5.89 15.97
C ILE B 203 -0.57 7.33 16.28
N ASP B 204 -1.22 7.84 17.29
CA ASP B 204 -0.98 9.19 17.81
C ASP B 204 0.10 9.04 18.89
N ALA B 205 1.19 9.75 18.72
CA ALA B 205 2.31 9.63 19.62
C ALA B 205 2.04 10.21 21.01
N GLU B 206 1.29 11.29 21.11
CA GLU B 206 1.02 11.88 22.40
C GLU B 206 0.20 10.96 23.28
N SER B 207 -0.90 10.48 22.73
CA SER B 207 -1.76 9.64 23.47
C SER B 207 -1.41 8.19 23.50
N GLU B 208 -0.45 7.82 22.64
CA GLU B 208 0.00 6.42 22.50
C GLU B 208 -1.10 5.50 22.06
N SER B 209 -2.05 6.04 21.32
CA SER B 209 -3.26 5.31 20.97
C SER B 209 -3.49 5.32 19.49
N VAL B 210 -4.16 4.26 19.03
CA VAL B 210 -4.81 4.31 17.70
C VAL B 210 -5.85 5.44 17.65
N VAL B 211 -6.28 5.81 16.47
CA VAL B 211 -7.12 6.96 16.30
C VAL B 211 -8.53 6.60 15.85
N ILE B 212 -8.77 5.36 15.50
CA ILE B 212 -10.14 4.94 15.22
C ILE B 212 -10.46 3.73 16.09
N LYS B 213 -11.73 3.60 16.39
CA LYS B 213 -12.17 2.58 17.31
C LYS B 213 -12.32 1.13 16.76
N PRO B 214 -12.90 0.99 15.57
CA PRO B 214 -13.06 -0.37 15.04
C PRO B 214 -11.75 -1.05 14.77
N LYS B 215 -11.77 -2.37 14.72
CA LYS B 215 -10.64 -3.14 14.20
C LYS B 215 -9.35 -2.79 14.91
N GLN B 216 -9.39 -2.44 16.21
CA GLN B 216 -8.16 -2.14 16.98
C GLN B 216 -7.37 -1.05 16.27
N GLY B 217 -8.03 -0.15 15.57
CA GLY B 217 -7.38 0.97 14.92
C GLY B 217 -7.02 0.76 13.47
N PHE B 218 -7.19 -0.42 12.93
CA PHE B 218 -6.82 -0.69 11.55
C PHE B 218 -7.89 -0.18 10.68
N GLY B 219 -7.51 0.41 9.54
CA GLY B 219 -8.48 0.91 8.59
C GLY B 219 -7.88 1.29 7.29
N GLY B 220 -8.71 1.60 6.34
CA GLY B 220 -8.23 1.91 5.01
C GLY B 220 -7.64 3.28 4.90
N LEU B 221 -6.53 3.42 4.17
CA LEU B 221 -5.88 4.70 4.00
C LEU B 221 -6.22 5.36 2.70
N GLY B 222 -6.40 6.66 2.78
CA GLY B 222 -6.59 7.50 1.64
C GLY B 222 -5.68 8.73 1.70
N GLY B 223 -5.67 9.46 0.63
CA GLY B 223 -5.01 10.73 0.56
C GLY B 223 -3.56 10.69 0.06
N LYS B 224 -2.71 11.60 0.57
CA LYS B 224 -1.37 11.71 0.04
C LYS B 224 -0.58 10.46 0.14
N TYR B 225 -0.84 9.66 1.16
CA TYR B 225 -0.22 8.40 1.28
C TYR B 225 -0.28 7.56 0.07
N ILE B 226 -1.37 7.59 -0.66
CA ILE B 226 -1.67 6.57 -1.63
C ILE B 226 -1.56 6.98 -3.10
N LEU B 227 -1.15 8.21 -3.39
CA LEU B 227 -1.10 8.70 -4.78
C LEU B 227 -0.26 7.82 -5.72
N PRO B 228 1.01 7.48 -5.33
CA PRO B 228 1.74 6.65 -6.28
C PRO B 228 1.15 5.25 -6.42
N THR B 229 0.53 4.71 -5.38
CA THR B 229 -0.15 3.42 -5.53
C THR B 229 -1.35 3.55 -6.51
N ALA B 230 -2.11 4.64 -6.34
CA ALA B 230 -3.24 4.91 -7.19
C ALA B 230 -2.83 5.02 -8.66
N LEU B 231 -1.78 5.84 -8.90
CA LEU B 231 -1.30 6.00 -10.26
C LEU B 231 -0.91 4.64 -10.88
N ALA B 232 -0.15 3.85 -10.11
CA ALA B 232 0.27 2.57 -10.58
C ALA B 232 -0.90 1.73 -11.03
N ASN B 233 -1.93 1.68 -10.19
CA ASN B 233 -3.08 0.86 -10.55
C ASN B 233 -3.84 1.36 -11.75
N VAL B 234 -4.01 2.67 -11.81
CA VAL B 234 -4.66 3.30 -12.99
C VAL B 234 -3.91 2.85 -14.23
N ASN B 235 -2.60 3.05 -14.17
CA ASN B 235 -1.81 2.80 -15.39
C ASN B 235 -1.78 1.29 -15.70
N ALA B 236 -1.67 0.45 -14.71
CA ALA B 236 -1.61 -0.98 -14.92
C ALA B 236 -2.86 -1.44 -15.59
N PHE B 237 -4.04 -1.03 -15.12
CA PHE B 237 -5.27 -1.43 -15.74
C PHE B 237 -5.49 -0.75 -17.06
N TYR B 238 -5.09 0.48 -17.22
CA TYR B 238 -5.14 1.22 -18.52
C TYR B 238 -4.44 0.43 -19.58
N ARG B 239 -3.26 -0.06 -19.24
CA ARG B 239 -2.40 -0.88 -20.19
C ARG B 239 -3.08 -2.21 -20.48
N ARG B 240 -3.69 -2.82 -19.50
CA ARG B 240 -4.17 -4.26 -19.59
C ARG B 240 -5.62 -4.35 -20.04
N CYS B 241 -6.36 -3.26 -20.00
CA CYS B 241 -7.80 -3.31 -20.38
C CYS B 241 -8.08 -2.28 -21.41
N PRO B 242 -7.59 -2.57 -22.63
CA PRO B 242 -7.74 -1.57 -23.67
C PRO B 242 -9.21 -1.35 -24.13
N ASP B 243 -10.12 -2.25 -23.94
CA ASP B 243 -11.52 -1.95 -24.27
C ASP B 243 -12.33 -1.47 -23.13
N LYS B 244 -11.69 -0.99 -22.01
CA LYS B 244 -12.42 -0.45 -20.89
C LYS B 244 -11.89 0.96 -20.59
N LEU B 245 -12.69 1.74 -19.92
CA LEU B 245 -12.23 3.02 -19.35
C LEU B 245 -11.69 2.71 -17.95
N VAL B 246 -10.75 3.57 -17.51
CA VAL B 246 -10.27 3.59 -16.17
C VAL B 246 -10.57 4.89 -15.55
N PHE B 247 -11.14 4.89 -14.34
CA PHE B 247 -11.36 6.11 -13.60
C PHE B 247 -10.33 6.10 -12.46
N GLY B 248 -9.74 7.21 -12.19
CA GLY B 248 -8.76 7.29 -11.16
C GLY B 248 -9.30 7.78 -9.87
N CYS B 249 -8.85 7.18 -8.80
CA CYS B 249 -9.19 7.61 -7.43
C CYS B 249 -8.01 7.35 -6.54
N GLY B 250 -7.59 8.34 -5.82
CA GLY B 250 -6.56 8.22 -4.82
C GLY B 250 -5.60 9.37 -4.81
N GLY B 251 -5.52 10.01 -3.67
CA GLY B 251 -4.50 11.08 -3.53
C GLY B 251 -4.70 12.34 -4.26
N VAL B 252 -5.90 12.60 -4.79
CA VAL B 252 -6.12 13.87 -5.52
C VAL B 252 -6.39 15.02 -4.60
N TYR B 253 -5.46 15.98 -4.53
CA TYR B 253 -5.67 17.21 -3.78
C TYR B 253 -5.53 18.45 -4.65
N SER B 254 -5.11 18.29 -5.88
CA SER B 254 -4.78 19.43 -6.72
C SER B 254 -5.01 19.09 -8.14
N GLY B 255 -5.05 20.10 -8.99
CA GLY B 255 -5.14 19.89 -10.41
C GLY B 255 -3.91 19.14 -10.93
N GLU B 256 -2.76 19.32 -10.32
CA GLU B 256 -1.56 18.59 -10.72
C GLU B 256 -1.74 17.09 -10.47
N ASP B 257 -2.30 16.75 -9.29
CA ASP B 257 -2.51 15.37 -9.00
C ASP B 257 -3.47 14.77 -10.01
N ALA B 258 -4.56 15.50 -10.36
CA ALA B 258 -5.49 15.06 -11.42
C ALA B 258 -4.82 14.82 -12.76
N PHE B 259 -4.00 15.80 -13.08
CA PHE B 259 -3.21 15.69 -14.32
C PHE B 259 -2.38 14.39 -14.39
N LEU B 260 -1.75 14.02 -13.29
CA LEU B 260 -1.02 12.79 -13.22
C LEU B 260 -1.88 11.60 -13.43
N HIS B 261 -3.04 11.56 -12.73
CA HIS B 261 -4.00 10.47 -12.98
C HIS B 261 -4.41 10.34 -14.43
N ILE B 262 -4.63 11.46 -15.05
CA ILE B 262 -5.07 11.48 -16.43
C ILE B 262 -3.92 11.01 -17.36
N LEU B 263 -2.70 11.45 -17.12
CA LEU B 263 -1.51 10.93 -17.82
C LEU B 263 -1.40 9.45 -17.70
N ALA B 264 -1.71 8.93 -16.50
CA ALA B 264 -1.69 7.51 -16.27
C ALA B 264 -2.74 6.71 -16.99
N GLY B 265 -3.80 7.37 -17.40
CA GLY B 265 -4.87 6.72 -18.13
C GLY B 265 -6.31 7.08 -17.64
N ALA B 266 -6.46 7.86 -16.57
CA ALA B 266 -7.76 8.10 -16.05
C ALA B 266 -8.62 8.93 -17.01
N SER B 267 -9.90 8.51 -17.04
CA SER B 267 -11.00 9.27 -17.65
C SER B 267 -11.63 10.16 -16.59
N MET B 268 -12.48 9.64 -15.74
CA MET B 268 -12.94 10.43 -14.63
C MET B 268 -11.88 10.32 -13.50
N VAL B 269 -11.89 11.33 -12.64
CA VAL B 269 -11.01 11.47 -11.52
C VAL B 269 -11.88 11.75 -10.30
N GLN B 270 -11.77 10.86 -9.32
CA GLN B 270 -12.59 10.91 -8.11
C GLN B 270 -11.77 11.47 -6.96
N VAL B 271 -12.43 12.14 -6.01
CA VAL B 271 -11.79 12.86 -4.97
C VAL B 271 -12.50 12.45 -3.68
N GLY B 272 -11.74 11.84 -2.82
CA GLY B 272 -12.22 11.28 -1.52
C GLY B 272 -11.76 12.16 -0.36
N THR B 273 -10.66 11.79 0.25
CA THR B 273 -10.18 12.46 1.46
C THR B 273 -10.11 13.98 1.23
N ALA B 274 -9.55 14.45 0.13
CA ALA B 274 -9.41 15.92 0.00
C ALA B 274 -10.79 16.62 0.00
N LEU B 275 -11.79 15.99 -0.59
CA LEU B 275 -13.16 16.46 -0.59
C LEU B 275 -13.73 16.46 0.84
N GLN B 276 -13.56 15.35 1.51
CA GLN B 276 -13.99 15.24 2.92
C GLN B 276 -13.40 16.36 3.75
N GLU B 277 -12.14 16.77 3.51
CA GLU B 277 -11.48 17.78 4.26
C GLU B 277 -11.80 19.14 3.84
N GLU B 278 -11.89 19.40 2.55
CA GLU B 278 -12.06 20.78 2.06
C GLU B 278 -13.47 21.13 1.72
N GLY B 279 -14.33 20.19 1.47
CA GLY B 279 -15.67 20.40 1.00
C GLY B 279 -15.79 20.68 -0.50
N PRO B 280 -17.02 20.81 -0.96
CA PRO B 280 -17.29 20.76 -2.39
C PRO B 280 -16.72 21.93 -3.16
N GLY B 281 -16.31 22.99 -2.52
CA GLY B 281 -15.57 24.04 -3.14
C GLY B 281 -14.30 23.55 -3.83
N ILE B 282 -13.80 22.38 -3.44
CA ILE B 282 -12.58 21.86 -4.03
C ILE B 282 -12.77 21.74 -5.51
N PHE B 283 -13.98 21.46 -5.99
CA PHE B 283 -14.12 21.22 -7.44
C PHE B 283 -13.81 22.40 -8.29
N THR B 284 -14.11 23.59 -7.80
CA THR B 284 -13.78 24.75 -8.66
C THR B 284 -12.26 24.97 -8.70
N ARG B 285 -11.58 24.77 -7.57
CA ARG B 285 -10.17 24.83 -7.44
C ARG B 285 -9.52 23.81 -8.34
N LEU B 286 -9.95 22.57 -8.31
CA LEU B 286 -9.33 21.59 -9.12
C LEU B 286 -9.45 21.85 -10.61
N GLU B 287 -10.63 22.29 -11.02
CA GLU B 287 -10.89 22.67 -12.39
C GLU B 287 -9.94 23.78 -12.82
N ASP B 288 -9.82 24.81 -12.04
CA ASP B 288 -9.00 25.92 -12.38
C ASP B 288 -7.53 25.51 -12.48
N GLU B 289 -7.09 24.69 -11.52
CA GLU B 289 -5.70 24.24 -11.46
C GLU B 289 -5.39 23.39 -12.71
N LEU B 290 -6.23 22.45 -12.99
CA LEU B 290 -6.03 21.60 -14.12
C LEU B 290 -6.00 22.42 -15.45
N LEU B 291 -6.95 23.33 -15.66
CA LEU B 291 -6.95 24.23 -16.84
C LEU B 291 -5.66 25.00 -16.86
N GLU B 292 -5.08 25.44 -15.71
CA GLU B 292 -3.86 26.19 -15.74
C GLU B 292 -2.69 25.37 -16.28
N ILE B 293 -2.56 24.10 -15.87
CA ILE B 293 -1.52 23.22 -16.32
C ILE B 293 -1.70 22.97 -17.81
N MET B 294 -2.93 22.69 -18.25
CA MET B 294 -3.19 22.49 -19.66
C MET B 294 -2.79 23.73 -20.45
N ALA B 295 -3.09 24.91 -19.96
CA ALA B 295 -2.75 26.15 -20.73
C ALA B 295 -1.24 26.30 -20.84
N ARG B 296 -0.51 26.05 -19.79
CA ARG B 296 0.93 26.18 -19.81
C ARG B 296 1.58 25.21 -20.79
N LYS B 297 1.00 24.04 -20.94
CA LYS B 297 1.51 22.98 -21.76
C LYS B 297 0.96 22.96 -23.20
N GLY B 298 0.01 23.86 -23.46
CA GLY B 298 -0.65 23.91 -24.74
C GLY B 298 -1.63 22.77 -25.05
N TYR B 299 -2.16 22.09 -24.04
CA TYR B 299 -3.18 21.07 -24.25
C TYR B 299 -4.56 21.70 -24.25
N ARG B 300 -5.35 21.36 -25.27
CA ARG B 300 -6.67 21.87 -25.39
C ARG B 300 -7.74 20.98 -24.84
N THR B 301 -7.53 19.67 -24.84
CA THR B 301 -8.53 18.73 -24.39
C THR B 301 -7.78 17.67 -23.55
N LEU B 302 -8.58 16.94 -22.77
CA LEU B 302 -8.06 15.87 -21.95
C LEU B 302 -7.51 14.67 -22.80
N GLU B 303 -8.06 14.41 -23.99
CA GLU B 303 -7.63 13.26 -24.76
C GLU B 303 -6.26 13.50 -25.34
N GLU B 304 -5.84 14.75 -25.38
CA GLU B 304 -4.50 15.01 -25.88
C GLU B 304 -3.43 14.44 -24.99
N PHE B 305 -3.73 14.24 -23.72
CA PHE B 305 -2.69 13.70 -22.83
C PHE B 305 -3.11 12.47 -22.04
N ARG B 306 -4.38 12.03 -22.11
CA ARG B 306 -4.79 10.93 -21.36
C ARG B 306 -4.04 9.67 -21.73
N GLY B 307 -3.41 8.97 -20.77
CA GLY B 307 -2.67 7.74 -21.02
C GLY B 307 -1.32 7.97 -21.65
N ARG B 308 -0.89 9.21 -21.80
CA ARG B 308 0.34 9.58 -22.55
C ARG B 308 1.57 9.72 -21.62
N VAL B 309 1.52 9.23 -20.37
CA VAL B 309 2.69 9.14 -19.55
C VAL B 309 3.89 8.54 -20.37
N LYS B 310 5.05 9.19 -20.29
CA LYS B 310 6.22 8.74 -20.97
C LYS B 310 6.97 7.78 -20.09
N THR B 311 7.56 6.81 -20.70
CA THR B 311 8.53 5.94 -20.03
C THR B 311 9.93 6.26 -20.49
N ILE B 312 10.90 5.80 -19.74
CA ILE B 312 12.31 6.14 -20.01
C ILE B 312 12.92 5.07 -20.86
N GLU B 313 13.45 5.53 -22.00
CA GLU B 313 14.17 4.68 -22.95
C GLU B 313 13.36 3.43 -23.24
OAJ W7B C . 14.92 -3.89 -6.29
CAI W7B C . 15.54 -4.38 -5.35
OAK W7B C . 16.80 -4.55 -5.20
C4 W7B C . 14.73 -4.45 -4.08
N3 W7B C . 14.05 -3.26 -3.68
C2 W7B C . 13.18 -3.27 -2.57
O2 W7B C . 12.60 -2.19 -2.25
N1 W7B C . 13.07 -4.36 -1.84
C6 W7B C . 13.73 -5.58 -2.16
O6 W7B C . 13.51 -6.55 -1.41
C5 W7B C . 14.53 -5.61 -3.39
CAL W7B C . 15.11 -6.90 -3.84
CAM W7B C . 13.98 -7.91 -4.21
CAN W7B C . 14.56 -9.00 -5.03
CAS W7B C . 14.78 -8.90 -6.44
CAU W7B C . 14.41 -7.77 -7.13
CAT W7B C . 14.67 -7.67 -8.51
CAW W7B C . 15.30 -8.77 -9.16
CAV W7B C . 15.69 -9.87 -8.48
CAR W7B C . 15.37 -9.99 -7.09
CAQ W7B C . 15.74 -11.10 -6.37
CAP W7B C . 15.44 -11.31 -5.04
CAO W7B C . 14.88 -10.22 -4.39
C1 GOL D . 5.46 -3.17 -14.77
O1 GOL D . 6.62 -3.94 -15.22
C2 GOL D . 4.30 -3.36 -15.75
O2 GOL D . 3.74 -4.62 -15.50
C3 GOL D . 3.23 -2.32 -15.61
O3 GOL D . 2.18 -2.56 -16.55
C1 GOL E . -5.29 -6.59 13.66
O1 GOL E . -4.63 -7.55 14.49
C2 GOL E . -6.81 -6.81 13.75
O2 GOL E . -6.99 -8.16 13.25
C3 GOL E . -7.71 -5.78 13.02
O3 GOL E . -9.14 -6.20 13.19
C1 GOL F . 8.48 -5.53 -1.66
O1 GOL F . 7.13 -5.58 -1.13
C2 GOL F . 8.72 -5.33 -3.20
O2 GOL F . 8.56 -3.91 -3.56
C3 GOL F . 10.12 -5.80 -3.42
O3 GOL F . 10.64 -5.32 -4.67
C1 GOL G . 3.91 -11.12 22.52
O1 GOL G . 5.32 -10.84 22.38
C2 GOL G . 3.05 -9.86 22.66
O2 GOL G . 2.63 -9.73 24.02
C3 GOL G . 1.79 -9.76 21.72
O3 GOL G . 1.57 -10.99 21.08
C1 GOL H . -4.27 -11.06 16.96
O1 GOL H . -3.65 -12.13 17.72
C2 GOL H . -5.74 -10.97 17.25
O2 GOL H . -6.40 -12.08 16.69
C3 GOL H . -6.34 -9.78 16.50
O3 GOL H . -5.90 -8.51 16.96
C1 GOL I . 8.34 13.64 -9.65
O1 GOL I . 9.44 14.48 -10.08
C2 GOL I . 7.67 14.30 -8.43
O2 GOL I . 7.17 15.55 -8.93
C3 GOL I . 6.61 13.41 -7.76
O3 GOL I . 6.04 13.99 -6.56
C1 GOL J . 29.55 -5.94 20.95
O1 GOL J . 29.48 -7.35 21.27
C2 GOL J . 28.15 -5.36 21.10
O2 GOL J . 27.23 -6.09 20.19
C3 GOL J . 28.23 -3.85 20.90
O3 GOL J . 26.93 -3.28 20.96
C1 GOL K . 3.12 -4.16 -19.68
O1 GOL K . 3.07 -2.86 -19.06
C2 GOL K . 1.79 -4.84 -19.56
O2 GOL K . 2.14 -6.24 -19.75
C3 GOL K . 0.98 -4.22 -20.69
O3 GOL K . -0.34 -4.72 -20.80
C1 GOL L . 27.53 -10.63 17.21
O1 GOL L . 28.04 -11.85 16.56
C2 GOL L . 28.52 -9.78 17.97
O2 GOL L . 29.10 -10.52 19.04
C3 GOL L . 27.79 -8.60 18.55
O3 GOL L . 28.33 -7.40 18.10
C1 GOL M . 21.06 3.43 -3.94
O1 GOL M . 21.96 2.31 -3.91
C2 GOL M . 21.54 4.42 -4.99
O2 GOL M . 21.56 3.83 -6.29
C3 GOL M . 20.60 5.56 -5.08
O3 GOL M . 20.64 6.08 -6.42
C1 GOL N . -1.18 -11.55 -0.58
O1 GOL N . -1.29 -10.60 -1.65
C2 GOL N . -1.84 -12.80 -1.19
O2 GOL N . -1.34 -13.05 -2.48
C3 GOL N . -1.74 -14.07 -0.39
O3 GOL N . -2.67 -15.06 -0.93
C1 GOL O . 14.00 16.21 -14.02
O1 GOL O . 14.61 15.96 -15.10
C2 GOL O . 14.37 17.65 -14.02
O2 GOL O . 13.51 18.54 -14.85
C3 GOL O . 13.91 17.61 -12.61
O3 GOL O . 12.60 17.85 -12.94
N1 FMN P . 14.85 -4.64 1.18
C2 FMN P . 15.43 -5.85 1.28
O2 FMN P . 15.08 -6.64 2.16
N3 FMN P . 16.52 -6.15 0.53
C4 FMN P . 17.05 -5.32 -0.27
O4 FMN P . 18.08 -5.63 -0.97
C4A FMN P . 16.46 -4.02 -0.50
N5 FMN P . 16.94 -3.13 -1.39
C5A FMN P . 16.54 -1.88 -1.30
C6 FMN P . 17.10 -0.89 -2.06
C7 FMN P . 16.73 0.41 -2.04
C7M FMN P . 17.37 1.46 -2.88
C8 FMN P . 15.63 0.75 -1.22
C8M FMN P . 15.10 2.11 -1.10
C9 FMN P . 15.00 -0.23 -0.48
C9A FMN P . 15.40 -1.54 -0.48
N10 FMN P . 14.80 -2.50 0.29
C10 FMN P . 15.30 -3.75 0.35
C1' FMN P . 13.63 -2.22 1.14
C2' FMN P . 14.06 -1.52 2.38
O2' FMN P . 14.84 -2.41 3.19
C3' FMN P . 12.86 -1.10 3.22
O3' FMN P . 12.09 -2.28 3.57
C4' FMN P . 11.92 -0.15 2.50
O4' FMN P . 12.65 0.85 1.80
C5' FMN P . 10.95 0.51 3.54
O5' FMN P . 11.63 1.33 4.47
P FMN P . 11.73 2.92 4.38
O1P FMN P . 12.53 3.31 5.51
O2P FMN P . 10.34 3.47 4.37
O3P FMN P . 12.39 3.18 3.04
OAJ W7B Q . -15.22 0.86 5.75
OAJ W7B Q . -15.74 1.23 5.63
CAI W7B Q . -15.99 1.12 4.82
CAI W7B Q . -16.34 1.41 4.62
OAK W7B Q . -17.19 1.18 4.97
OAK W7B Q . -17.52 1.86 4.59
C4 W7B Q . -15.36 1.29 3.52
C4 W7B Q . -15.53 1.46 3.41
N3 W7B Q . -14.33 2.22 3.53
N3 W7B Q . -14.40 2.28 3.51
C2 W7B Q . -13.53 2.44 2.42
C2 W7B Q . -13.48 2.37 2.44
O2 W7B Q . -12.57 3.23 2.45
O2 W7B Q . -12.42 3.04 2.50
N1 W7B Q . -13.86 1.74 1.27
N1 W7B Q . -13.82 1.70 1.28
C6 W7B Q . -14.90 0.86 1.18
C6 W7B Q . -14.95 0.93 1.12
O6 W7B Q . -15.16 0.33 0.11
O6 W7B Q . -15.22 0.39 0.06
C5 W7B Q . -15.67 0.61 2.37
C5 W7B Q . -15.80 0.76 2.26
CAL W7B Q . -16.71 -0.32 2.41
CAL W7B Q . -16.92 -0.09 2.08
CAM W7B Q . -16.21 -1.75 2.20
CAM W7B Q . -16.49 -1.61 2.16
CAN W7B Q . -15.63 -2.26 3.43
CAN W7B Q . -17.61 -2.49 2.45
CAS W7B Q . -16.38 -2.82 4.50
CAS W7B Q . -17.95 -2.88 3.76
CAU W7B Q . -17.79 -2.98 4.40
CAU W7B Q . -17.11 -2.48 4.84
CAT W7B Q . -18.52 -3.53 5.47
CAT W7B Q . -17.42 -2.86 6.14
CAW W7B Q . -17.79 -3.89 6.59
CAW W7B Q . -18.57 -3.61 6.41
CAV W7B Q . -16.40 -3.77 6.74
CAV W7B Q . -19.38 -4.01 5.37
CAR W7B Q . -15.70 -3.21 5.68
CAR W7B Q . -19.08 -3.65 4.05
CAQ W7B Q . -14.32 -3.11 5.81
CAQ W7B Q . -19.90 -4.05 3.01
CAP W7B Q . -13.56 -2.67 4.82
CAP W7B Q . -19.59 -3.73 1.71
CAO W7B Q . -14.25 -2.21 3.66
CAO W7B Q . -18.44 -2.95 1.41
C1 GOL R . -23.69 23.13 -2.67
O1 GOL R . -24.20 22.88 -1.37
C2 GOL R . -22.26 23.59 -2.62
O2 GOL R . -22.64 24.91 -2.15
C3 GOL R . -21.46 23.98 -3.86
O3 GOL R . -19.99 23.95 -3.80
C1 GOL S . -13.57 9.63 -23.58
O1 GOL S . -13.08 8.28 -23.87
C2 GOL S . -13.30 10.40 -24.85
O2 GOL S . -11.96 10.87 -24.89
C3 GOL S . -14.28 11.55 -25.03
O3 GOL S . -14.37 12.42 -23.96
C1 GOL T . -0.77 11.05 12.64
O1 GOL T . 0.50 11.55 12.15
C2 GOL T . -1.31 11.81 13.84
O2 GOL T . -0.27 12.12 14.71
C3 GOL T . -2.24 11.02 14.77
O3 GOL T . -2.94 11.89 15.73
C1 GOL U . -16.01 11.75 9.40
O1 GOL U . -16.08 12.86 10.33
C2 GOL U . -17.26 11.42 8.62
O2 GOL U . -18.14 10.59 9.36
C3 GOL U . -16.94 10.63 7.36
O3 GOL U . -18.10 10.76 6.50
C1 GOL V . -10.89 21.58 -29.15
O1 GOL V . -9.91 22.62 -29.00
C2 GOL V . -12.11 21.74 -28.23
O2 GOL V . -11.64 22.47 -27.08
C3 GOL V . -13.29 22.43 -28.99
O3 GOL V . -14.64 21.86 -28.85
C1 GOL W . -4.93 -12.03 -5.06
O1 GOL W . -4.79 -13.49 -5.00
C2 GOL W . -4.29 -11.50 -3.75
O2 GOL W . -4.99 -12.13 -2.67
C3 GOL W . -4.27 -9.97 -3.71
O3 GOL W . -3.74 -9.55 -2.43
C1 GOL X . -1.45 -8.02 -0.02
O1 GOL X . -2.48 -8.18 1.16
C2 GOL X . -1.72 -7.90 -1.66
O2 GOL X . -2.90 -7.17 -1.94
C3 GOL X . -0.82 -7.40 -2.94
O3 GOL X . -1.24 -7.30 -4.46
N1 FMN Y . -15.17 3.44 -1.44
C2 FMN Y . -16.25 2.77 -1.93
O2 FMN Y . -16.19 2.30 -3.08
N3 FMN Y . -17.45 2.75 -1.29
C4 FMN Y . -17.61 3.28 -0.08
O4 FMN Y . -18.74 3.28 0.54
C4A FMN Y . -16.54 4.00 0.52
N5 FMN Y . -16.62 4.62 1.68
C5A FMN Y . -15.67 5.46 2.12
C6 FMN Y . -15.81 6.24 3.23
C7 FMN Y . -14.87 7.16 3.65
C7M FMN Y . -15.10 7.94 4.93
C8 FMN Y . -13.63 7.24 2.93
C8M FMN Y . -12.56 8.16 3.35
C9 FMN Y . -13.46 6.49 1.81
C9A FMN Y . -14.43 5.58 1.37
N10 FMN Y . -14.27 4.80 0.21
C10 FMN Y . -15.31 4.04 -0.25
C1' FMN Y . -13.01 4.86 -0.55
C2' FMN Y . -12.94 6.10 -1.44
O2' FMN Y . -13.97 6.04 -2.41
C3' FMN Y . -11.60 6.20 -2.14
O3' FMN Y . -11.48 5.03 -2.95
C4' FMN Y . -10.43 6.24 -1.18
O4' FMN Y . -10.72 7.12 -0.06
C5' FMN Y . -9.17 6.77 -1.89
O5' FMN Y . -9.33 8.06 -2.43
P FMN Y . -8.72 9.37 -1.70
O1P FMN Y . -9.15 10.50 -2.54
O2P FMN Y . -7.23 9.18 -1.59
O3P FMN Y . -9.35 9.36 -0.27
CO NCO Z . -15.53 19.64 6.93
N1 NCO Z . -17.46 20.39 6.74
N2 NCO Z . -13.61 18.88 7.17
N3 NCO Z . -16.18 17.74 6.64
N4 NCO Z . -15.16 19.77 4.90
N5 NCO Z . -14.93 21.48 7.20
N6 NCO Z . -15.86 19.52 9.00
#